data_6A4I
#
_entry.id   6A4I
#
_cell.length_a   156.308
_cell.length_b   144.106
_cell.length_c   89.002
_cell.angle_alpha   90.000
_cell.angle_beta   90.000
_cell.angle_gamma   90.000
#
_symmetry.space_group_name_H-M   'P 21 21 2'
#
loop_
_entity.id
_entity.type
_entity.pdbx_description
1 polymer 'Tryptophan 2,3-dioxygenase'
2 non-polymer 'PROTOPORPHYRIN IX CONTAINING FE'
3 non-polymer 1-(6-chloro-1H-indazol-4-yl)cyclohexan-1-ol
4 non-polymer TRYPTOPHAN
5 non-polymer 'CITRIC ACID'
#
_entity_poly.entity_id   1
_entity_poly.type   'polypeptide(L)'
_entity_poly.pdbx_seq_one_letter_code
;MGSSHHHHHHSSGLVPRGSHMPVEGSEEDKSQTGVNRASKGGLIYGNYLHLEKVLNAQELQSETKGNKIHDEHLFIITHQ
AYELWFKQILWELDSVREIFQNGHVRDERNMLKVVSRMHRVSVILKLLVQQFSILETMTALDFNDFREYLSPASGFQSLQ
FRLLENKIGVLQNMRVPYNRRHYRDNFKGEENELLLKSEQEKTLLELVEAWLERTPGLEPHGFNFWGKLEKNITRGLEEE
FIRIQAKEESEEKEEQVAEFQKQKEVLLSLFDEKRHEHLLSKGERRLSYRALQGALMIYFYREEPRFQVPFQLLTSLMDI
DSLMTKWRYNHVCMVHRMLGSKAGTGGSSGYHYLRSTVSDRYKVFVDLFNLSTYLIPRHWIPKMNPTIHKF
;
_entity_poly.pdbx_strand_id   A,B,C,D
#
# COMPACT_ATOMS: atom_id res chain seq x y z
N LEU A 43 -0.64 29.01 -23.57
CA LEU A 43 -1.48 27.89 -23.07
C LEU A 43 -1.37 27.77 -21.55
N ILE A 44 -2.53 27.81 -20.89
CA ILE A 44 -2.68 27.86 -19.41
C ILE A 44 -2.99 26.47 -18.79
N TYR A 45 -2.21 26.08 -17.77
CA TYR A 45 -2.39 24.83 -17.02
C TYR A 45 -3.85 24.49 -16.83
N GLY A 46 -4.55 25.39 -16.18
CA GLY A 46 -6.01 25.33 -16.05
C GLY A 46 -6.82 24.97 -17.28
N ASN A 47 -6.64 25.67 -18.42
CA ASN A 47 -7.43 25.32 -19.65
C ASN A 47 -6.95 24.04 -20.34
N TYR A 48 -5.64 23.81 -20.33
CA TYR A 48 -5.06 22.59 -20.82
C TYR A 48 -5.64 21.40 -20.06
N LEU A 49 -5.85 21.53 -18.76
CA LEU A 49 -6.44 20.45 -17.99
C LEU A 49 -7.97 20.49 -17.92
N HIS A 50 -8.59 21.46 -18.62
CA HIS A 50 -10.04 21.72 -18.53
C HIS A 50 -10.62 21.76 -17.11
N LEU A 51 -10.03 22.61 -16.25
CA LEU A 51 -10.44 22.63 -14.83
C LEU A 51 -11.77 23.36 -14.63
N GLU A 52 -12.11 24.21 -15.60
CA GLU A 52 -13.43 24.81 -15.71
C GLU A 52 -14.51 23.72 -15.74
N LYS A 53 -14.18 22.53 -16.27
CA LYS A 53 -15.02 21.33 -16.12
C LYS A 53 -14.80 20.49 -14.82
N VAL A 54 -13.59 19.93 -14.66
CA VAL A 54 -13.28 19.00 -13.57
C VAL A 54 -13.57 19.56 -12.15
N LEU A 55 -13.28 20.84 -11.95
CA LEU A 55 -13.34 21.46 -10.61
C LEU A 55 -14.66 22.18 -10.43
N ASN A 56 -15.50 22.12 -11.46
CA ASN A 56 -16.88 22.59 -11.38
C ASN A 56 -17.99 21.52 -11.41
N ALA A 57 -17.73 20.37 -10.80
CA ALA A 57 -18.56 19.23 -11.01
C ALA A 57 -19.05 18.65 -9.68
N GLN A 58 -18.68 19.35 -8.63
CA GLN A 58 -19.01 18.90 -7.28
C GLN A 58 -20.25 19.67 -6.91
N GLU A 59 -21.41 19.04 -7.07
CA GLU A 59 -22.71 19.54 -6.61
C GLU A 59 -23.26 18.62 -5.52
N LEU A 60 -23.21 19.04 -4.26
CA LEU A 60 -23.79 18.24 -3.16
C LEU A 60 -25.32 18.20 -3.21
N GLN A 61 -25.90 17.01 -3.32
CA GLN A 61 -27.37 16.86 -3.27
C GLN A 61 -27.96 17.35 -1.95
N SER A 62 -27.29 17.01 -0.86
CA SER A 62 -27.68 17.46 0.48
C SER A 62 -27.88 19.00 0.53
N GLU A 63 -26.94 19.73 -0.09
CA GLU A 63 -26.91 21.20 -0.08
C GLU A 63 -28.02 21.74 -0.99
N THR A 64 -28.12 21.20 -2.20
CA THR A 64 -29.27 21.40 -3.09
C THR A 64 -30.67 21.23 -2.41
N LYS A 65 -30.78 20.32 -1.43
CA LYS A 65 -32.00 20.14 -0.60
C LYS A 65 -31.95 20.86 0.76
N GLY A 66 -31.20 21.97 0.83
CA GLY A 66 -31.10 22.86 2.00
C GLY A 66 -30.48 22.33 3.29
N ASN A 67 -29.52 21.42 3.12
CA ASN A 67 -28.94 20.69 4.22
C ASN A 67 -27.55 20.15 3.83
N LYS A 68 -26.56 21.00 3.55
CA LYS A 68 -25.15 20.57 3.36
C LYS A 68 -24.73 19.48 4.39
N ILE A 69 -24.35 18.30 3.89
CA ILE A 69 -23.67 17.36 4.75
C ILE A 69 -22.22 17.34 4.30
N HIS A 70 -21.30 17.70 5.21
CA HIS A 70 -19.89 17.84 4.91
C HIS A 70 -19.31 16.67 4.10
N ASP A 71 -19.52 15.43 4.57
CA ASP A 71 -18.95 14.24 3.95
C ASP A 71 -19.42 13.88 2.56
N GLU A 72 -20.55 14.40 2.11
CA GLU A 72 -21.05 14.03 0.78
C GLU A 72 -20.00 14.47 -0.26
N HIS A 73 -19.20 15.46 0.11
CA HIS A 73 -18.25 15.97 -0.85
C HIS A 73 -17.14 14.95 -1.06
N LEU A 74 -16.87 14.09 -0.08
CA LEU A 74 -15.89 13.08 -0.23
C LEU A 74 -16.41 11.99 -1.15
N PHE A 75 -17.68 11.62 -0.96
CA PHE A 75 -18.33 10.61 -1.78
C PHE A 75 -18.25 10.92 -3.27
N ILE A 76 -18.51 12.16 -3.62
CA ILE A 76 -18.41 12.67 -4.98
C ILE A 76 -16.98 12.60 -5.52
N ILE A 77 -16.05 13.29 -4.89
CA ILE A 77 -14.65 13.28 -5.30
C ILE A 77 -14.11 11.87 -5.48
N THR A 78 -14.41 10.96 -4.54
CA THR A 78 -13.84 9.62 -4.62
C THR A 78 -14.30 8.98 -5.90
N HIS A 79 -15.64 8.97 -6.12
CA HIS A 79 -16.20 8.49 -7.38
C HIS A 79 -15.62 9.14 -8.64
N GLN A 80 -15.45 10.46 -8.65
CA GLN A 80 -14.97 11.10 -9.88
C GLN A 80 -13.51 10.73 -10.16
N ALA A 81 -12.73 10.49 -9.09
CA ALA A 81 -11.35 10.05 -9.30
C ALA A 81 -11.30 8.62 -9.84
N TYR A 82 -12.10 7.69 -9.30
CA TYR A 82 -12.20 6.38 -9.90
C TYR A 82 -12.62 6.46 -11.35
N GLU A 83 -13.56 7.34 -11.65
CA GLU A 83 -14.07 7.44 -12.97
C GLU A 83 -13.01 7.95 -13.94
N LEU A 84 -12.24 8.97 -13.60
CA LEU A 84 -11.07 9.32 -14.42
C LEU A 84 -10.14 8.10 -14.67
N TRP A 85 -9.81 7.34 -13.63
CA TRP A 85 -8.98 6.16 -13.83
C TRP A 85 -9.63 5.06 -14.69
N PHE A 86 -10.95 4.90 -14.60
CA PHE A 86 -11.61 3.96 -15.51
C PHE A 86 -11.45 4.43 -16.93
N LYS A 87 -11.53 5.74 -17.11
CA LYS A 87 -11.36 6.36 -18.40
C LYS A 87 -9.98 6.02 -18.96
N GLN A 88 -8.97 6.10 -18.11
CA GLN A 88 -7.61 5.85 -18.50
C GLN A 88 -7.36 4.37 -18.73
N ILE A 89 -7.89 3.49 -17.86
CA ILE A 89 -7.85 2.07 -18.17
C ILE A 89 -8.43 1.71 -19.55
N LEU A 90 -9.58 2.28 -19.88
CA LEU A 90 -10.24 2.08 -21.16
C LEU A 90 -9.36 2.52 -22.34
N TRP A 91 -8.61 3.60 -22.16
CA TRP A 91 -7.71 4.15 -23.18
C TRP A 91 -6.55 3.19 -23.36
N GLU A 92 -6.02 2.63 -22.26
CA GLU A 92 -4.94 1.68 -22.40
C GLU A 92 -5.43 0.44 -23.06
N LEU A 93 -6.56 -0.01 -22.55
CA LEU A 93 -7.06 -1.31 -22.89
C LEU A 93 -7.56 -1.32 -24.34
N ASP A 94 -8.28 -0.27 -24.74
CA ASP A 94 -8.65 -0.13 -26.15
C ASP A 94 -7.46 -0.10 -27.11
N SER A 95 -6.34 0.50 -26.72
CA SER A 95 -5.22 0.56 -27.67
C SER A 95 -4.53 -0.80 -27.87
N VAL A 96 -4.48 -1.62 -26.81
CA VAL A 96 -3.94 -2.94 -26.88
C VAL A 96 -4.90 -3.76 -27.72
N ARG A 97 -6.19 -3.68 -27.44
CA ARG A 97 -7.17 -4.30 -28.37
C ARG A 97 -6.88 -3.97 -29.85
N GLU A 98 -6.73 -2.72 -30.25
CA GLU A 98 -6.35 -2.45 -31.63
C GLU A 98 -5.08 -3.09 -32.15
N ILE A 99 -4.04 -3.14 -31.30
CA ILE A 99 -2.83 -3.81 -31.68
C ILE A 99 -3.02 -5.27 -32.03
N PHE A 100 -3.90 -6.00 -31.35
CA PHE A 100 -4.37 -7.33 -31.82
C PHE A 100 -5.38 -7.26 -33.01
N GLN A 101 -6.41 -6.40 -32.97
CA GLN A 101 -7.35 -6.30 -34.12
C GLN A 101 -6.68 -6.09 -35.46
N ASN A 102 -5.94 -5.00 -35.58
CA ASN A 102 -4.89 -4.70 -36.56
C ASN A 102 -4.09 -5.78 -37.18
N GLY A 103 -3.84 -6.87 -36.47
CA GLY A 103 -2.72 -7.68 -36.86
C GLY A 103 -1.35 -7.13 -36.53
N HIS A 104 -1.24 -5.92 -36.00
CA HIS A 104 0.08 -5.43 -35.63
C HIS A 104 0.84 -6.24 -34.56
N VAL A 105 0.16 -7.01 -33.66
CA VAL A 105 0.83 -7.93 -32.72
C VAL A 105 1.66 -8.95 -33.52
N ARG A 106 1.38 -9.14 -34.81
CA ARG A 106 2.06 -10.12 -35.64
C ARG A 106 3.52 -9.68 -35.81
N ASP A 107 3.82 -8.40 -35.50
CA ASP A 107 5.16 -7.87 -35.46
C ASP A 107 5.63 -7.78 -34.03
N GLU A 108 6.63 -8.59 -33.69
CA GLU A 108 7.12 -8.63 -32.31
C GLU A 108 7.57 -7.27 -31.83
N ARG A 109 8.05 -6.40 -32.72
CA ARG A 109 8.44 -5.04 -32.33
C ARG A 109 7.38 -4.46 -31.39
N ASN A 110 6.11 -4.71 -31.70
CA ASN A 110 5.00 -4.15 -30.95
C ASN A 110 4.70 -4.84 -29.58
N MET A 111 5.44 -5.89 -29.24
CA MET A 111 5.15 -6.63 -28.03
C MET A 111 5.49 -5.86 -26.75
N LEU A 112 6.40 -4.91 -26.84
CA LEU A 112 6.80 -4.18 -25.70
C LEU A 112 5.74 -3.12 -25.42
N LYS A 113 5.05 -2.64 -26.44
CA LYS A 113 3.96 -1.70 -26.25
C LYS A 113 2.77 -2.37 -25.50
N VAL A 114 2.44 -3.63 -25.86
CA VAL A 114 1.26 -4.28 -25.43
C VAL A 114 1.46 -4.57 -23.94
N VAL A 115 2.61 -5.18 -23.66
CA VAL A 115 2.97 -5.55 -22.27
C VAL A 115 3.12 -4.37 -21.28
N SER A 116 3.70 -3.27 -21.70
CA SER A 116 3.85 -2.24 -20.73
C SER A 116 2.53 -1.42 -20.53
N ARG A 117 1.60 -1.48 -21.47
CA ARG A 117 0.30 -0.89 -21.24
C ARG A 117 -0.58 -1.82 -20.36
N MET A 118 -0.52 -3.14 -20.61
CA MET A 118 -1.05 -4.05 -19.66
C MET A 118 -0.49 -3.81 -18.22
N HIS A 119 0.83 -3.85 -18.09
CA HIS A 119 1.43 -3.45 -16.84
C HIS A 119 0.95 -2.08 -16.25
N ARG A 120 0.81 -1.07 -17.10
CA ARG A 120 0.21 0.20 -16.68
C ARG A 120 -1.22 0.08 -16.12
N VAL A 121 -2.10 -0.72 -16.74
CA VAL A 121 -3.41 -1.06 -16.18
C VAL A 121 -3.31 -1.62 -14.74
N SER A 122 -2.38 -2.50 -14.50
CA SER A 122 -2.17 -3.06 -13.20
C SER A 122 -1.79 -2.02 -12.23
N VAL A 123 -0.98 -1.06 -12.68
CA VAL A 123 -0.39 -0.17 -11.70
C VAL A 123 -1.58 0.75 -11.32
N ILE A 124 -2.47 1.04 -12.29
CA ILE A 124 -3.58 1.86 -11.99
C ILE A 124 -4.52 1.08 -11.08
N LEU A 125 -4.72 -0.19 -11.41
CA LEU A 125 -5.71 -0.96 -10.66
C LEU A 125 -5.27 -1.04 -9.20
N LYS A 126 -3.99 -1.25 -8.96
CA LYS A 126 -3.43 -1.23 -7.65
C LYS A 126 -3.68 0.05 -6.89
N LEU A 127 -3.46 1.18 -7.54
CA LEU A 127 -3.79 2.47 -6.95
C LEU A 127 -5.30 2.51 -6.57
N LEU A 128 -6.17 2.01 -7.48
CA LEU A 128 -7.61 1.95 -7.26
C LEU A 128 -7.99 1.24 -5.95
N VAL A 129 -7.27 0.17 -5.65
CA VAL A 129 -7.51 -0.64 -4.48
C VAL A 129 -7.13 0.15 -3.26
N GLN A 130 -6.01 0.82 -3.33
CA GLN A 130 -5.59 1.65 -2.24
C GLN A 130 -6.44 2.92 -1.98
N GLN A 131 -7.16 3.44 -3.01
CA GLN A 131 -8.09 4.57 -2.81
C GLN A 131 -9.17 4.27 -1.83
N PHE A 132 -9.47 2.98 -1.64
CA PHE A 132 -10.52 2.70 -0.70
C PHE A 132 -10.17 3.31 0.64
N SER A 133 -8.90 3.27 1.02
CA SER A 133 -8.48 3.81 2.31
C SER A 133 -9.01 5.22 2.62
N ILE A 134 -9.20 6.06 1.58
CA ILE A 134 -9.70 7.42 1.72
C ILE A 134 -11.19 7.45 2.11
N LEU A 135 -11.99 6.64 1.45
CA LEU A 135 -13.38 6.46 1.82
C LEU A 135 -13.60 5.76 3.19
N GLU A 136 -12.72 4.88 3.61
CA GLU A 136 -12.81 4.38 4.99
C GLU A 136 -12.66 5.47 6.04
N THR A 137 -12.23 6.68 5.65
CA THR A 137 -12.15 7.69 6.68
C THR A 137 -13.56 8.32 6.84
N MET A 138 -14.58 7.74 6.20
CA MET A 138 -15.99 8.11 6.40
C MET A 138 -16.73 7.07 7.23
N THR A 139 -17.27 7.53 8.35
CA THR A 139 -18.13 6.70 9.13
C THR A 139 -19.51 6.42 8.48
N ALA A 140 -20.13 5.32 8.90
CA ALA A 140 -21.51 4.99 8.57
C ALA A 140 -22.51 6.10 9.03
N LEU A 141 -22.30 6.60 10.23
CA LEU A 141 -23.04 7.74 10.70
C LEU A 141 -22.87 8.96 9.83
N ASP A 142 -21.65 9.30 9.35
CA ASP A 142 -21.61 10.48 8.47
C ASP A 142 -22.38 10.15 7.13
N PHE A 143 -22.23 8.92 6.61
CA PHE A 143 -22.88 8.48 5.37
C PHE A 143 -24.42 8.46 5.48
N ASN A 144 -24.90 8.03 6.65
CA ASN A 144 -26.29 7.93 6.91
C ASN A 144 -26.99 9.31 6.92
N ASP A 145 -26.20 10.38 7.07
CA ASP A 145 -26.78 11.71 7.02
C ASP A 145 -27.05 12.14 5.61
N PHE A 146 -26.41 11.52 4.61
CA PHE A 146 -26.65 12.01 3.29
C PHE A 146 -27.17 10.93 2.34
N ARG A 147 -27.17 9.68 2.81
CA ARG A 147 -27.57 8.46 2.03
C ARG A 147 -28.85 8.71 1.24
N GLU A 148 -29.88 9.27 1.91
CA GLU A 148 -31.23 9.53 1.39
C GLU A 148 -31.25 10.42 0.16
N TYR A 149 -30.32 11.42 0.13
CA TYR A 149 -30.30 12.35 -0.97
C TYR A 149 -29.78 11.70 -2.23
N LEU A 150 -29.31 10.46 -2.10
CA LEU A 150 -28.70 9.71 -3.17
C LEU A 150 -29.63 8.80 -4.06
N SER A 151 -30.76 8.27 -3.54
CA SER A 151 -31.71 7.46 -4.39
C SER A 151 -32.31 8.35 -5.46
N PRO A 152 -32.57 7.73 -6.59
CA PRO A 152 -32.31 6.28 -6.82
C PRO A 152 -31.02 5.94 -7.62
N ALA A 153 -29.95 6.71 -7.41
CA ALA A 153 -28.69 6.52 -8.14
C ALA A 153 -28.09 5.19 -7.72
N SER A 154 -27.31 4.56 -8.59
CA SER A 154 -26.68 3.31 -8.20
C SER A 154 -25.35 3.15 -8.90
N GLY A 155 -24.51 2.25 -8.39
CA GLY A 155 -23.18 1.99 -9.01
C GLY A 155 -23.31 1.21 -10.31
N PHE A 156 -24.43 0.50 -10.44
CA PHE A 156 -24.82 -0.04 -11.68
C PHE A 156 -25.02 1.01 -12.75
N GLN A 157 -25.39 2.25 -12.45
CA GLN A 157 -25.48 3.21 -13.56
C GLN A 157 -24.10 3.59 -14.15
N SER A 158 -23.01 3.06 -13.56
CA SER A 158 -21.71 3.37 -14.13
C SER A 158 -21.41 2.64 -15.42
N LEU A 159 -21.45 3.42 -16.47
CA LEU A 159 -21.23 3.00 -17.83
C LEU A 159 -19.79 2.46 -18.01
N GLN A 160 -18.83 3.23 -17.52
CA GLN A 160 -17.46 2.96 -17.77
C GLN A 160 -17.06 1.69 -17.07
N PHE A 161 -17.69 1.45 -15.93
CA PHE A 161 -17.37 0.21 -15.25
C PHE A 161 -17.86 -0.97 -16.09
N ARG A 162 -19.04 -0.85 -16.64
CA ARG A 162 -19.59 -1.92 -17.43
C ARG A 162 -18.80 -2.14 -18.72
N LEU A 163 -18.36 -1.08 -19.36
CA LEU A 163 -17.59 -1.13 -20.59
C LEU A 163 -16.28 -1.86 -20.32
N LEU A 164 -15.61 -1.44 -19.26
CA LEU A 164 -14.46 -2.13 -18.74
C LEU A 164 -14.67 -3.63 -18.56
N GLU A 165 -15.62 -4.06 -17.76
CA GLU A 165 -15.94 -5.48 -17.69
C GLU A 165 -16.16 -6.15 -19.08
N ASN A 166 -16.80 -5.43 -19.99
CA ASN A 166 -17.16 -6.01 -21.27
C ASN A 166 -15.98 -6.13 -22.15
N LYS A 167 -15.11 -5.15 -22.12
CA LYS A 167 -14.03 -5.08 -23.03
C LYS A 167 -13.00 -6.11 -22.61
N ILE A 168 -12.79 -6.32 -21.33
CA ILE A 168 -11.89 -7.35 -20.88
C ILE A 168 -12.37 -8.77 -21.29
N GLY A 169 -13.66 -9.05 -21.11
CA GLY A 169 -14.30 -10.30 -21.55
C GLY A 169 -15.14 -11.03 -20.49
N VAL A 170 -15.62 -10.31 -19.48
CA VAL A 170 -16.50 -10.91 -18.48
C VAL A 170 -17.64 -11.60 -19.20
N LEU A 171 -17.92 -12.87 -18.90
CA LEU A 171 -19.08 -13.47 -19.59
C LEU A 171 -20.37 -12.80 -19.19
N GLN A 172 -21.33 -12.84 -20.12
CA GLN A 172 -22.43 -11.89 -20.25
C GLN A 172 -23.78 -12.44 -19.88
N ASN A 173 -24.03 -13.69 -20.26
CA ASN A 173 -25.19 -14.46 -19.78
C ASN A 173 -25.45 -14.24 -18.28
N MET A 174 -24.36 -14.05 -17.49
CA MET A 174 -24.37 -13.84 -15.99
C MET A 174 -25.70 -13.36 -15.36
N ASN A 186 -32.31 -0.62 -19.15
CA ASN A 186 -31.71 0.26 -18.12
C ASN A 186 -31.22 1.63 -18.72
N PHE A 187 -29.96 1.62 -19.21
CA PHE A 187 -29.29 2.75 -19.90
C PHE A 187 -29.97 3.21 -21.21
N LYS A 188 -29.84 4.50 -21.51
CA LYS A 188 -30.47 5.12 -22.73
C LYS A 188 -29.48 5.78 -23.75
N GLY A 189 -29.99 6.05 -24.97
CA GLY A 189 -29.31 6.86 -25.98
C GLY A 189 -27.94 6.33 -26.31
N GLU A 190 -26.99 7.22 -26.55
CA GLU A 190 -25.69 6.78 -27.06
C GLU A 190 -24.78 6.05 -26.02
N GLU A 191 -25.06 6.25 -24.73
CA GLU A 191 -24.46 5.38 -23.70
C GLU A 191 -24.81 3.94 -24.01
N ASN A 192 -26.09 3.73 -24.36
CA ASN A 192 -26.60 2.43 -24.69
C ASN A 192 -25.95 1.87 -25.98
N GLU A 193 -25.52 2.81 -26.86
CA GLU A 193 -24.81 2.48 -28.12
C GLU A 193 -23.45 1.88 -27.74
N LEU A 194 -22.64 2.70 -27.06
CA LEU A 194 -21.32 2.35 -26.56
C LEU A 194 -21.31 0.98 -25.83
N LEU A 195 -22.36 0.75 -25.06
CA LEU A 195 -22.49 -0.49 -24.38
C LEU A 195 -22.68 -1.68 -25.32
N LEU A 196 -23.43 -1.48 -26.39
CA LEU A 196 -23.74 -2.57 -27.29
C LEU A 196 -22.47 -2.81 -28.10
N LYS A 197 -21.82 -1.76 -28.63
CA LYS A 197 -20.43 -1.82 -29.19
C LYS A 197 -19.46 -2.59 -28.28
N SER A 198 -19.50 -2.33 -26.97
CA SER A 198 -18.67 -3.11 -26.07
C SER A 198 -19.08 -4.56 -25.92
N GLU A 199 -20.34 -4.87 -26.15
CA GLU A 199 -20.79 -6.27 -26.06
C GLU A 199 -20.55 -7.01 -27.34
N GLN A 200 -20.39 -6.30 -28.44
CA GLN A 200 -20.35 -6.92 -29.77
C GLN A 200 -18.93 -6.90 -30.40
N GLU A 201 -18.07 -5.95 -30.01
CA GLU A 201 -16.73 -5.88 -30.62
C GLU A 201 -15.91 -6.96 -29.96
N LYS A 202 -14.76 -7.26 -30.56
CA LYS A 202 -13.94 -8.34 -30.09
C LYS A 202 -13.41 -7.99 -28.77
N THR A 203 -13.48 -8.93 -27.85
CA THR A 203 -12.98 -8.63 -26.48
C THR A 203 -11.47 -8.94 -26.37
N LEU A 204 -10.83 -8.36 -25.35
CA LEU A 204 -9.42 -8.62 -25.07
C LEU A 204 -9.20 -10.17 -24.86
N LEU A 205 -10.10 -10.82 -24.16
CA LEU A 205 -10.08 -12.26 -24.04
C LEU A 205 -10.06 -12.99 -25.40
N GLU A 206 -11.01 -12.66 -26.28
CA GLU A 206 -11.04 -13.26 -27.60
C GLU A 206 -9.79 -12.95 -28.49
N LEU A 207 -9.28 -11.72 -28.39
CA LEU A 207 -8.16 -11.33 -29.18
C LEU A 207 -6.95 -12.12 -28.68
N VAL A 208 -6.72 -12.15 -27.38
CA VAL A 208 -5.67 -12.99 -26.82
C VAL A 208 -5.77 -14.51 -27.20
N GLU A 209 -6.96 -15.05 -27.12
CA GLU A 209 -7.26 -16.44 -27.55
C GLU A 209 -6.83 -16.68 -29.00
N ALA A 210 -7.03 -15.70 -29.86
CA ALA A 210 -6.64 -15.89 -31.24
C ALA A 210 -5.09 -15.90 -31.38
N TRP A 211 -4.44 -15.01 -30.60
CA TRP A 211 -3.01 -14.88 -30.65
C TRP A 211 -2.40 -16.19 -30.06
N LEU A 212 -2.99 -16.69 -28.95
CA LEU A 212 -2.57 -17.98 -28.39
C LEU A 212 -2.71 -19.11 -29.43
N GLU A 213 -3.71 -19.01 -30.27
CA GLU A 213 -3.99 -20.12 -31.13
C GLU A 213 -2.94 -20.20 -32.25
N ARG A 214 -2.10 -19.19 -32.38
CA ARG A 214 -1.11 -19.05 -33.40
C ARG A 214 0.27 -19.17 -32.82
N THR A 215 0.45 -19.52 -31.55
CA THR A 215 1.77 -19.83 -30.90
C THR A 215 2.69 -20.76 -31.75
N PRO A 216 3.96 -20.41 -31.98
CA PRO A 216 4.84 -21.40 -32.67
C PRO A 216 5.03 -22.66 -31.81
N GLY A 217 5.08 -23.85 -32.40
CA GLY A 217 5.27 -25.10 -31.62
C GLY A 217 4.07 -26.06 -31.76
N LEU A 218 2.92 -25.55 -32.21
CA LEU A 218 1.77 -26.44 -32.12
C LEU A 218 1.72 -27.40 -33.30
N GLU A 219 2.38 -27.03 -34.41
CA GLU A 219 2.32 -27.77 -35.69
C GLU A 219 2.58 -29.28 -35.43
N PRO A 220 1.58 -30.10 -35.71
CA PRO A 220 1.96 -31.54 -35.64
C PRO A 220 3.12 -31.99 -36.61
N HIS A 221 3.44 -31.21 -37.63
CA HIS A 221 4.59 -31.63 -38.47
C HIS A 221 5.84 -30.83 -38.15
N GLY A 222 5.70 -29.90 -37.21
CA GLY A 222 6.85 -29.15 -36.62
C GLY A 222 7.19 -29.81 -35.30
N PHE A 223 7.36 -28.98 -34.29
CA PHE A 223 7.66 -29.41 -32.96
C PHE A 223 6.69 -30.39 -32.34
N ASN A 224 5.41 -30.37 -32.75
CA ASN A 224 4.53 -31.39 -32.26
C ASN A 224 4.32 -31.38 -30.72
N PHE A 225 4.41 -30.20 -30.08
CA PHE A 225 4.18 -30.06 -28.64
C PHE A 225 3.10 -31.01 -28.01
N TRP A 226 1.83 -30.74 -28.36
CA TRP A 226 0.73 -31.53 -27.83
C TRP A 226 0.94 -32.96 -27.88
N GLY A 227 1.46 -33.45 -29.03
CA GLY A 227 1.64 -34.90 -29.20
C GLY A 227 2.70 -35.48 -28.29
N LYS A 228 3.82 -34.78 -28.11
CA LYS A 228 4.92 -35.35 -27.27
C LYS A 228 4.60 -35.17 -25.80
N LEU A 229 3.92 -34.05 -25.46
CA LEU A 229 3.50 -33.82 -24.07
C LEU A 229 2.61 -34.95 -23.61
N GLU A 230 1.61 -35.32 -24.43
CA GLU A 230 0.81 -36.52 -24.15
C GLU A 230 1.64 -37.78 -24.01
N LYS A 231 2.69 -37.92 -24.82
CA LYS A 231 3.53 -39.14 -24.81
C LYS A 231 4.42 -39.19 -23.56
N ASN A 232 5.08 -38.09 -23.25
CA ASN A 232 5.92 -38.04 -22.05
C ASN A 232 5.24 -38.16 -20.65
N ILE A 233 4.12 -37.47 -20.44
CA ILE A 233 3.22 -37.66 -19.30
C ILE A 233 2.76 -39.15 -19.17
N THR A 234 2.50 -39.83 -20.30
CA THR A 234 1.94 -41.18 -20.22
C THR A 234 3.06 -42.12 -19.79
N ARG A 235 4.25 -41.93 -20.36
CA ARG A 235 5.47 -42.68 -20.03
C ARG A 235 5.83 -42.37 -18.55
N GLY A 236 5.86 -41.09 -18.19
CA GLY A 236 6.04 -40.61 -16.80
C GLY A 236 5.22 -41.37 -15.77
N LEU A 237 3.89 -41.37 -15.96
CA LEU A 237 2.96 -42.10 -15.07
C LEU A 237 3.25 -43.62 -14.94
N GLU A 238 3.49 -44.33 -16.07
CA GLU A 238 3.95 -45.77 -16.05
C GLU A 238 5.20 -46.01 -15.17
N GLU A 239 6.25 -45.22 -15.41
CA GLU A 239 7.38 -45.11 -14.49
C GLU A 239 7.01 -44.97 -13.02
N GLU A 240 6.09 -44.05 -12.73
CA GLU A 240 5.70 -43.81 -11.35
C GLU A 240 4.88 -44.98 -10.76
N PHE A 241 4.03 -45.60 -11.61
CA PHE A 241 3.28 -46.78 -11.23
C PHE A 241 4.16 -48.00 -10.95
N ILE A 242 5.10 -48.30 -11.86
CA ILE A 242 6.05 -49.46 -11.71
C ILE A 242 6.87 -49.34 -10.41
N ARG A 243 7.37 -48.13 -10.14
CA ARG A 243 8.09 -47.81 -8.92
C ARG A 243 7.23 -48.21 -7.73
N ILE A 244 6.12 -47.49 -7.50
CA ILE A 244 5.15 -47.69 -6.41
C ILE A 244 4.66 -49.16 -6.28
N GLN A 245 5.48 -50.00 -5.63
CA GLN A 245 5.24 -51.46 -5.54
C GLN A 245 5.99 -52.10 -4.35
N ALA A 246 5.65 -51.66 -3.11
CA ALA A 246 6.25 -52.22 -1.87
C ALA A 246 5.32 -53.21 -1.09
N GLU A 251 3.35 -52.54 3.35
CA GLU A 251 2.55 -51.82 1.87
C GLU A 251 1.42 -50.93 2.51
N GLU A 252 1.74 -49.94 3.46
CA GLU A 252 0.71 -48.92 3.94
C GLU A 252 0.88 -47.55 3.30
N LYS A 253 2.14 -47.39 2.75
CA LYS A 253 2.22 -46.21 1.72
C LYS A 253 1.79 -46.66 0.33
N GLU A 254 0.41 -46.34 0.15
CA GLU A 254 -0.44 -46.59 -1.02
C GLU A 254 -1.41 -45.38 -0.90
N GLU A 255 -1.20 -44.66 0.21
CA GLU A 255 -1.29 -43.21 0.20
C GLU A 255 -0.72 -42.76 -1.13
N GLN A 256 0.50 -43.27 -1.44
CA GLN A 256 1.17 -43.08 -2.72
C GLN A 256 0.38 -43.58 -3.95
N VAL A 257 -0.21 -44.83 -3.89
CA VAL A 257 -1.13 -45.30 -4.97
C VAL A 257 -2.36 -44.36 -5.11
N ALA A 258 -2.97 -43.95 -3.99
CA ALA A 258 -4.14 -43.07 -4.08
C ALA A 258 -3.71 -41.71 -4.61
N GLU A 259 -2.51 -41.27 -4.23
CA GLU A 259 -2.05 -39.91 -4.60
C GLU A 259 -1.65 -39.99 -6.08
N PHE A 260 -1.07 -41.11 -6.48
CA PHE A 260 -0.85 -41.38 -7.87
C PHE A 260 -2.11 -41.33 -8.67
N GLN A 261 -3.17 -42.04 -8.26
CA GLN A 261 -4.45 -42.13 -9.02
C GLN A 261 -5.10 -40.72 -9.16
N LYS A 262 -4.94 -39.86 -8.15
CA LYS A 262 -5.32 -38.48 -8.23
C LYS A 262 -4.52 -37.78 -9.34
N GLN A 263 -3.19 -37.96 -9.34
CA GLN A 263 -2.28 -37.25 -10.30
C GLN A 263 -2.66 -37.66 -11.74
N LYS A 264 -2.91 -38.95 -11.91
CA LYS A 264 -3.20 -39.47 -13.22
C LYS A 264 -4.49 -38.88 -13.73
N GLU A 265 -5.56 -38.87 -12.94
CA GLU A 265 -6.81 -38.25 -13.40
C GLU A 265 -6.62 -36.82 -13.88
N VAL A 266 -5.99 -35.98 -13.09
CA VAL A 266 -5.79 -34.58 -13.44
C VAL A 266 -4.87 -34.35 -14.66
N LEU A 267 -3.85 -35.19 -14.86
CA LEU A 267 -2.91 -34.94 -15.94
C LEU A 267 -3.50 -35.45 -17.22
N LEU A 268 -3.91 -36.70 -17.28
CA LEU A 268 -4.52 -37.16 -18.47
C LEU A 268 -5.82 -36.41 -18.86
N SER A 269 -6.55 -35.79 -17.93
CA SER A 269 -7.69 -34.96 -18.32
C SER A 269 -7.39 -33.77 -19.28
N LEU A 270 -6.22 -33.18 -19.19
CA LEU A 270 -5.75 -32.25 -20.22
C LEU A 270 -6.05 -32.75 -21.66
N PHE A 271 -6.11 -34.04 -21.87
CA PHE A 271 -6.04 -34.54 -23.24
C PHE A 271 -7.40 -34.89 -23.73
N ASP A 272 -8.39 -34.27 -23.10
CA ASP A 272 -9.79 -34.65 -23.22
C ASP A 272 -10.56 -33.43 -23.74
N GLU A 273 -10.57 -33.32 -25.06
CA GLU A 273 -11.07 -32.18 -25.78
C GLU A 273 -12.63 -31.98 -25.68
N LYS A 274 -13.33 -33.08 -25.80
CA LYS A 274 -14.74 -33.19 -25.53
C LYS A 274 -15.10 -32.63 -24.13
N ARG A 275 -14.37 -33.08 -23.11
CA ARG A 275 -14.39 -32.49 -21.74
C ARG A 275 -14.26 -30.98 -21.70
N HIS A 276 -13.29 -30.49 -22.45
CA HIS A 276 -13.05 -29.10 -22.49
C HIS A 276 -14.21 -28.35 -23.14
N GLU A 277 -14.77 -28.95 -24.18
CA GLU A 277 -15.86 -28.30 -24.90
C GLU A 277 -17.10 -28.18 -24.00
N HIS A 278 -17.39 -29.30 -23.31
CA HIS A 278 -18.47 -29.36 -22.36
C HIS A 278 -18.25 -28.22 -21.35
N LEU A 279 -17.03 -28.11 -20.83
CA LEU A 279 -16.68 -27.09 -19.91
C LEU A 279 -16.80 -25.71 -20.48
N LEU A 280 -16.38 -25.50 -21.72
CA LEU A 280 -16.59 -24.20 -22.36
C LEU A 280 -18.09 -23.82 -22.47
N SER A 281 -18.94 -24.72 -22.96
CA SER A 281 -20.32 -24.34 -23.16
C SER A 281 -21.04 -24.07 -21.84
N LYS A 282 -20.64 -24.74 -20.75
CA LYS A 282 -21.10 -24.37 -19.40
C LYS A 282 -20.57 -23.03 -18.98
N GLY A 283 -19.49 -22.54 -19.57
CA GLY A 283 -18.87 -21.29 -19.06
C GLY A 283 -17.75 -21.40 -18.03
N GLU A 284 -17.41 -22.62 -17.63
CA GLU A 284 -16.39 -22.81 -16.63
C GLU A 284 -14.93 -22.71 -17.14
N ARG A 285 -14.71 -22.86 -18.44
CA ARG A 285 -13.45 -22.53 -19.08
C ARG A 285 -13.79 -21.46 -20.18
N ARG A 286 -12.85 -20.63 -20.60
CA ARG A 286 -13.11 -19.61 -21.65
C ARG A 286 -12.31 -19.75 -22.97
N LEU A 287 -11.10 -20.30 -22.93
CA LEU A 287 -10.23 -20.33 -24.06
C LEU A 287 -10.52 -21.61 -24.78
N SER A 288 -10.37 -21.55 -26.09
CA SER A 288 -10.50 -22.74 -26.91
C SER A 288 -9.37 -23.67 -26.55
N TYR A 289 -9.53 -24.95 -26.84
CA TYR A 289 -8.57 -25.95 -26.53
C TYR A 289 -7.23 -25.61 -27.16
N ARG A 290 -7.25 -25.20 -28.43
CA ARG A 290 -6.02 -24.82 -29.08
C ARG A 290 -5.34 -23.67 -28.31
N ALA A 291 -6.10 -22.65 -27.92
CA ALA A 291 -5.54 -21.54 -27.11
C ALA A 291 -4.82 -22.08 -25.86
N LEU A 292 -5.34 -23.15 -25.35
CA LEU A 292 -4.81 -23.65 -24.16
C LEU A 292 -3.45 -24.28 -24.42
N GLN A 293 -3.30 -24.99 -25.54
CA GLN A 293 -2.06 -25.55 -25.92
C GLN A 293 -0.99 -24.47 -26.15
N GLY A 294 -1.38 -23.31 -26.75
CA GLY A 294 -0.49 -22.13 -26.85
C GLY A 294 -0.05 -21.58 -25.48
N ALA A 295 -0.97 -21.51 -24.53
CA ALA A 295 -0.65 -20.91 -23.28
C ALA A 295 0.29 -21.82 -22.51
N LEU A 296 0.01 -23.12 -22.45
CA LEU A 296 1.01 -24.08 -21.91
C LEU A 296 2.38 -24.06 -22.57
N MET A 297 2.45 -23.85 -23.88
CA MET A 297 3.70 -23.81 -24.59
C MET A 297 4.47 -22.59 -24.07
N ILE A 298 3.79 -21.43 -24.05
CA ILE A 298 4.40 -20.23 -23.45
C ILE A 298 4.89 -20.50 -22.01
N TYR A 299 4.07 -21.17 -21.17
CA TYR A 299 4.50 -21.44 -19.77
C TYR A 299 5.71 -22.35 -19.66
N PHE A 300 5.65 -23.49 -20.37
CA PHE A 300 6.70 -24.48 -20.30
C PHE A 300 8.05 -23.99 -20.88
N TYR A 301 8.02 -23.05 -21.84
CA TYR A 301 9.22 -22.73 -22.58
C TYR A 301 9.43 -21.29 -22.48
N ARG A 302 9.11 -20.79 -21.30
CA ARG A 302 9.14 -19.33 -21.06
C ARG A 302 10.48 -18.70 -21.20
N GLU A 303 11.55 -19.46 -20.93
CA GLU A 303 12.91 -18.90 -20.99
C GLU A 303 13.37 -18.66 -22.40
N GLU A 304 12.94 -19.50 -23.37
CA GLU A 304 13.21 -19.27 -24.80
C GLU A 304 12.92 -17.81 -25.15
N PRO A 305 13.84 -17.13 -25.84
CA PRO A 305 13.65 -15.67 -26.11
C PRO A 305 12.28 -15.28 -26.71
N ARG A 306 11.75 -15.96 -27.74
CA ARG A 306 10.45 -15.65 -28.36
C ARG A 306 9.27 -15.75 -27.37
N PHE A 307 9.49 -16.51 -26.29
CA PHE A 307 8.45 -16.69 -25.36
C PHE A 307 8.57 -15.77 -24.11
N GLN A 308 9.64 -15.00 -23.98
CA GLN A 308 9.83 -14.24 -22.76
C GLN A 308 8.76 -13.17 -22.54
N VAL A 309 8.68 -12.23 -23.47
CA VAL A 309 7.71 -11.18 -23.35
C VAL A 309 6.30 -11.71 -23.37
N PRO A 310 5.96 -12.74 -24.23
CA PRO A 310 4.66 -13.39 -24.12
C PRO A 310 4.34 -13.92 -22.76
N PHE A 311 5.30 -14.48 -22.04
CA PHE A 311 5.05 -14.99 -20.75
C PHE A 311 4.70 -13.86 -19.83
N GLN A 312 5.37 -12.71 -19.97
CA GLN A 312 5.05 -11.53 -19.19
C GLN A 312 3.58 -11.11 -19.41
N LEU A 313 3.13 -11.17 -20.66
CA LEU A 313 1.80 -10.80 -20.98
C LEU A 313 0.79 -11.74 -20.21
N LEU A 314 0.97 -13.07 -20.35
CA LEU A 314 0.08 -13.95 -19.69
C LEU A 314 0.07 -13.65 -18.18
N THR A 315 1.23 -13.24 -17.62
CA THR A 315 1.33 -12.83 -16.21
C THR A 315 0.53 -11.54 -15.87
N SER A 316 0.53 -10.56 -16.77
CA SER A 316 -0.18 -9.34 -16.59
C SER A 316 -1.68 -9.61 -16.60
N LEU A 317 -2.14 -10.50 -17.51
CA LEU A 317 -3.53 -10.79 -17.70
C LEU A 317 -4.09 -11.36 -16.42
N MET A 318 -3.28 -12.15 -15.70
CA MET A 318 -3.73 -12.68 -14.50
C MET A 318 -3.69 -11.62 -13.41
N ASP A 319 -2.74 -10.67 -13.52
CA ASP A 319 -2.67 -9.61 -12.57
C ASP A 319 -3.97 -8.76 -12.61
N ILE A 320 -4.34 -8.33 -13.82
CA ILE A 320 -5.53 -7.52 -14.04
C ILE A 320 -6.78 -8.18 -13.46
N ASP A 321 -7.02 -9.45 -13.76
CA ASP A 321 -8.06 -10.23 -13.16
C ASP A 321 -8.09 -10.27 -11.60
N SER A 322 -7.01 -10.71 -10.96
CA SER A 322 -6.81 -10.59 -9.54
C SER A 322 -7.12 -9.26 -8.95
N LEU A 323 -6.71 -8.22 -9.66
CA LEU A 323 -6.77 -6.93 -9.14
C LEU A 323 -8.22 -6.38 -9.27
N MET A 324 -8.89 -6.76 -10.39
CA MET A 324 -10.33 -6.58 -10.55
C MET A 324 -11.05 -7.25 -9.36
N THR A 325 -10.66 -8.46 -9.04
CA THR A 325 -11.21 -9.07 -7.88
C THR A 325 -10.87 -8.33 -6.59
N LYS A 326 -9.68 -7.75 -6.49
CA LYS A 326 -9.30 -7.15 -5.27
C LYS A 326 -10.20 -5.90 -5.11
N TRP A 327 -10.49 -5.26 -6.26
CA TRP A 327 -11.37 -4.13 -6.29
C TRP A 327 -12.72 -4.50 -5.70
N ARG A 328 -13.26 -5.64 -6.16
CA ARG A 328 -14.66 -5.95 -5.98
C ARG A 328 -14.76 -6.27 -4.53
N TYR A 329 -13.72 -6.93 -4.05
CA TYR A 329 -13.77 -7.39 -2.71
C TYR A 329 -13.69 -6.16 -1.75
N ASN A 330 -12.87 -5.16 -2.08
CA ASN A 330 -12.90 -3.95 -1.27
C ASN A 330 -14.18 -3.12 -1.42
N HIS A 331 -14.91 -3.26 -2.54
CA HIS A 331 -16.16 -2.57 -2.68
C HIS A 331 -17.11 -3.29 -1.72
N VAL A 332 -17.15 -4.61 -1.75
CA VAL A 332 -18.03 -5.32 -0.86
C VAL A 332 -17.80 -5.06 0.66
N CYS A 333 -16.53 -4.88 1.06
CA CYS A 333 -16.20 -4.61 2.48
C CYS A 333 -16.70 -3.23 2.88
N MET A 334 -16.65 -2.28 1.95
CA MET A 334 -17.09 -0.93 2.17
C MET A 334 -18.64 -0.91 2.43
N VAL A 335 -19.41 -1.43 1.46
CA VAL A 335 -20.81 -1.59 1.51
C VAL A 335 -21.25 -2.16 2.89
N HIS A 336 -20.56 -3.22 3.31
CA HIS A 336 -20.75 -3.84 4.61
C HIS A 336 -20.46 -2.87 5.76
N ARG A 337 -19.36 -2.12 5.73
CA ARG A 337 -19.13 -1.05 6.70
C ARG A 337 -20.33 -0.05 6.76
N MET A 338 -20.86 0.40 5.62
CA MET A 338 -21.80 1.50 5.61
C MET A 338 -23.21 1.08 5.92
N LEU A 339 -23.58 -0.10 5.42
CA LEU A 339 -24.98 -0.54 5.45
C LEU A 339 -25.33 -1.77 6.32
N GLY A 340 -24.31 -2.61 6.67
CA GLY A 340 -24.57 -3.95 7.27
C GLY A 340 -25.08 -5.00 6.25
N SER A 341 -25.99 -5.86 6.70
CA SER A 341 -26.64 -6.88 5.82
C SER A 341 -27.88 -7.45 6.49
N GLY A 347 -29.50 -9.97 -10.28
CA GLY A 347 -30.25 -8.78 -9.78
C GLY A 347 -29.52 -8.09 -8.59
N SER A 348 -30.14 -8.01 -7.38
CA SER A 348 -29.56 -7.43 -6.10
C SER A 348 -30.30 -7.76 -4.76
N SER A 349 -29.54 -8.25 -3.77
CA SER A 349 -30.09 -8.57 -2.41
C SER A 349 -29.34 -8.02 -1.14
N GLY A 350 -28.33 -7.14 -1.25
CA GLY A 350 -27.88 -6.36 -2.45
C GLY A 350 -26.36 -6.21 -2.40
N TYR A 351 -25.85 -6.13 -1.16
CA TYR A 351 -24.57 -6.70 -0.71
C TYR A 351 -24.33 -8.19 -1.17
N HIS A 352 -25.38 -9.02 -1.17
CA HIS A 352 -25.33 -10.47 -1.51
C HIS A 352 -25.05 -10.70 -2.98
N TYR A 353 -25.48 -9.76 -3.83
CA TYR A 353 -25.13 -9.81 -5.26
C TYR A 353 -23.63 -9.46 -5.45
N LEU A 354 -23.19 -8.48 -4.70
CA LEU A 354 -21.83 -8.06 -4.76
C LEU A 354 -20.90 -9.19 -4.27
N ARG A 355 -21.24 -9.78 -3.10
CA ARG A 355 -20.44 -10.85 -2.49
C ARG A 355 -20.26 -11.93 -3.55
N SER A 356 -21.35 -12.19 -4.27
CA SER A 356 -21.41 -13.10 -5.41
C SER A 356 -20.41 -12.83 -6.59
N THR A 357 -20.00 -11.57 -6.76
CA THR A 357 -19.15 -11.17 -7.88
C THR A 357 -17.68 -11.43 -7.54
N VAL A 358 -17.40 -11.81 -6.29
CA VAL A 358 -16.00 -12.02 -5.90
C VAL A 358 -15.47 -13.44 -6.26
N SER A 359 -16.26 -14.22 -7.02
CA SER A 359 -15.94 -15.59 -7.46
C SER A 359 -15.05 -15.73 -8.72
N ASP A 360 -14.69 -16.97 -9.06
CA ASP A 360 -13.93 -17.19 -10.32
C ASP A 360 -14.79 -16.92 -11.56
N ARG A 361 -16.11 -16.99 -11.40
CA ARG A 361 -17.01 -16.64 -12.48
C ARG A 361 -16.71 -15.27 -13.08
N TYR A 362 -16.18 -14.32 -12.30
CA TYR A 362 -15.72 -13.05 -12.87
C TYR A 362 -14.22 -13.01 -13.24
N LYS A 363 -13.51 -14.13 -13.13
CA LYS A 363 -12.13 -14.12 -13.57
C LYS A 363 -12.09 -14.37 -15.10
N VAL A 364 -11.91 -13.31 -15.88
CA VAL A 364 -11.84 -13.54 -17.31
C VAL A 364 -10.74 -14.57 -17.72
N PHE A 365 -9.59 -14.56 -17.06
CA PHE A 365 -8.44 -15.34 -17.47
C PHE A 365 -8.24 -16.55 -16.60
N VAL A 366 -9.39 -17.08 -16.25
CA VAL A 366 -9.51 -18.24 -15.46
C VAL A 366 -8.59 -19.39 -15.91
N ASP A 367 -8.57 -19.73 -17.21
CA ASP A 367 -7.72 -20.78 -17.82
C ASP A 367 -6.19 -20.57 -17.66
N LEU A 368 -5.76 -19.31 -17.70
CA LEU A 368 -4.40 -18.98 -17.41
C LEU A 368 -4.11 -19.38 -15.97
N PHE A 369 -4.93 -18.97 -14.98
CA PHE A 369 -4.73 -19.43 -13.58
C PHE A 369 -4.72 -20.91 -13.57
N ASN A 370 -5.68 -21.58 -14.19
CA ASN A 370 -5.78 -23.01 -13.98
C ASN A 370 -4.69 -23.84 -14.60
N LEU A 371 -3.86 -23.25 -15.45
CA LEU A 371 -2.81 -24.01 -16.06
C LEU A 371 -1.88 -24.65 -15.01
N SER A 372 -1.74 -23.93 -13.87
CA SER A 372 -0.92 -24.32 -12.74
C SER A 372 -1.38 -25.69 -12.15
N THR A 373 -2.68 -26.01 -12.30
CA THR A 373 -3.15 -27.41 -12.04
C THR A 373 -2.49 -28.49 -12.92
N TYR A 374 -1.93 -28.14 -14.12
CA TYR A 374 -1.24 -29.12 -15.08
C TYR A 374 0.27 -29.06 -15.18
N LEU A 375 0.88 -28.52 -14.11
CA LEU A 375 2.28 -28.72 -13.71
C LEU A 375 2.86 -30.13 -13.55
N ILE A 376 4.00 -30.37 -14.19
CA ILE A 376 4.55 -31.72 -14.22
C ILE A 376 6.00 -31.69 -13.80
N PRO A 377 6.55 -32.82 -13.35
CA PRO A 377 8.04 -32.78 -13.19
C PRO A 377 8.73 -32.20 -14.44
N ARG A 378 9.80 -31.42 -14.24
CA ARG A 378 10.60 -30.74 -15.30
C ARG A 378 11.03 -31.71 -16.35
N HIS A 379 11.56 -32.86 -15.92
CA HIS A 379 12.03 -33.94 -16.84
C HIS A 379 10.95 -34.41 -17.85
N TRP A 380 9.68 -34.12 -17.63
CA TRP A 380 8.66 -34.68 -18.54
C TRP A 380 8.35 -33.67 -19.60
N ILE A 381 8.80 -32.44 -19.43
CA ILE A 381 8.59 -31.43 -20.48
C ILE A 381 9.37 -31.82 -21.77
N PRO A 382 8.68 -31.97 -22.93
CA PRO A 382 9.40 -32.32 -24.18
C PRO A 382 10.57 -31.39 -24.38
N LYS A 383 11.65 -31.95 -24.85
CA LYS A 383 12.96 -31.29 -24.95
C LYS A 383 12.95 -30.61 -26.29
N MET A 384 13.29 -29.36 -26.23
CA MET A 384 13.42 -28.44 -27.31
C MET A 384 14.89 -28.31 -27.81
N LEU B 43 -32.84 10.63 -10.36
CA LEU B 43 -31.35 10.87 -10.17
C LEU B 43 -30.40 9.72 -10.54
N ILE B 44 -29.54 10.04 -11.52
CA ILE B 44 -28.67 9.08 -12.20
C ILE B 44 -27.19 9.29 -11.82
N TYR B 45 -26.53 8.19 -11.44
CA TYR B 45 -25.08 8.19 -11.15
C TYR B 45 -24.32 9.23 -11.95
N GLY B 46 -24.36 9.13 -13.29
CA GLY B 46 -23.56 9.98 -14.17
C GLY B 46 -23.80 11.46 -13.97
N ASN B 47 -25.10 11.82 -13.75
CA ASN B 47 -25.52 13.20 -13.59
C ASN B 47 -25.20 13.63 -12.22
N TYR B 48 -25.54 12.79 -11.24
CA TYR B 48 -25.13 13.12 -9.86
C TYR B 48 -23.66 13.45 -9.78
N LEU B 49 -22.77 12.73 -10.49
CA LEU B 49 -21.33 13.01 -10.43
C LEU B 49 -20.86 14.02 -11.49
N HIS B 50 -21.81 14.72 -12.12
CA HIS B 50 -21.48 15.56 -13.30
C HIS B 50 -20.41 14.97 -14.24
N LEU B 51 -20.62 13.69 -14.59
CA LEU B 51 -19.70 13.04 -15.48
C LEU B 51 -19.56 13.68 -16.86
N GLU B 52 -20.64 14.30 -17.37
CA GLU B 52 -20.66 15.07 -18.63
C GLU B 52 -19.63 16.22 -18.69
N LYS B 53 -19.10 16.62 -17.53
CA LYS B 53 -17.95 17.52 -17.44
C LYS B 53 -16.63 16.77 -17.19
N VAL B 54 -16.58 15.92 -16.15
CA VAL B 54 -15.35 15.22 -15.73
C VAL B 54 -14.81 14.36 -16.89
N LEU B 55 -15.71 13.71 -17.63
CA LEU B 55 -15.30 12.71 -18.62
C LEU B 55 -15.35 13.30 -19.99
N ASN B 56 -15.48 14.62 -20.02
CA ASN B 56 -15.31 15.39 -21.24
C ASN B 56 -14.29 16.49 -21.15
N ALA B 57 -13.19 16.22 -20.44
CA ALA B 57 -12.17 17.24 -20.19
C ALA B 57 -10.76 16.85 -20.69
N GLN B 58 -10.73 15.69 -21.34
CA GLN B 58 -9.49 15.20 -21.82
C GLN B 58 -9.36 15.64 -23.27
N GLU B 59 -8.37 16.47 -23.55
CA GLU B 59 -8.14 16.93 -24.91
C GLU B 59 -6.64 16.89 -25.18
N LEU B 60 -6.20 15.97 -26.03
CA LEU B 60 -4.79 15.82 -26.26
C LEU B 60 -4.27 16.92 -27.21
N GLN B 61 -3.51 17.85 -26.64
CA GLN B 61 -2.88 18.90 -27.43
C GLN B 61 -2.19 18.40 -28.66
N SER B 62 -1.37 17.36 -28.51
CA SER B 62 -0.76 16.64 -29.62
C SER B 62 -1.74 16.26 -30.73
N GLU B 63 -2.88 15.65 -30.34
CA GLU B 63 -3.95 15.34 -31.31
C GLU B 63 -4.54 16.58 -31.98
N THR B 64 -4.91 17.60 -31.18
CA THR B 64 -5.45 18.88 -31.68
C THR B 64 -4.53 19.45 -32.72
N LYS B 65 -3.22 19.30 -32.50
CA LYS B 65 -2.12 19.86 -33.30
C LYS B 65 -1.69 18.87 -34.41
N GLY B 66 -2.55 17.86 -34.65
CA GLY B 66 -2.43 16.87 -35.71
C GLY B 66 -1.28 15.87 -35.62
N ASN B 67 -1.07 15.29 -34.44
CA ASN B 67 0.00 14.30 -34.21
C ASN B 67 -0.23 13.63 -32.87
N LYS B 68 -1.33 12.90 -32.78
CA LYS B 68 -1.74 12.39 -31.47
C LYS B 68 -0.72 11.44 -30.81
N ILE B 69 -0.32 11.72 -29.55
CA ILE B 69 0.63 10.83 -28.81
C ILE B 69 -0.07 10.09 -27.68
N HIS B 70 0.09 8.79 -27.58
CA HIS B 70 -0.76 8.00 -26.71
C HIS B 70 -0.63 8.41 -25.22
N ASP B 71 0.61 8.63 -24.77
CA ASP B 71 0.88 8.82 -23.37
C ASP B 71 0.35 10.17 -22.79
N GLU B 72 0.13 11.16 -23.65
CA GLU B 72 -0.39 12.43 -23.20
C GLU B 72 -1.69 12.26 -22.36
N HIS B 73 -2.53 11.31 -22.74
CA HIS B 73 -3.77 11.08 -22.01
C HIS B 73 -3.50 10.81 -20.52
N LEU B 74 -2.49 9.96 -20.21
CA LEU B 74 -2.06 9.70 -18.85
C LEU B 74 -1.56 10.94 -18.07
N PHE B 75 -0.78 11.78 -18.74
CA PHE B 75 -0.36 13.03 -18.20
C PHE B 75 -1.55 13.94 -17.86
N ILE B 76 -2.61 13.99 -18.67
CA ILE B 76 -3.77 14.77 -18.32
C ILE B 76 -4.51 14.13 -17.14
N ILE B 77 -4.87 12.84 -17.26
CA ILE B 77 -5.67 12.17 -16.19
C ILE B 77 -5.03 12.25 -14.81
N THR B 78 -3.71 12.09 -14.76
CA THR B 78 -2.94 12.06 -13.54
C THR B 78 -3.14 13.41 -12.94
N HIS B 79 -2.86 14.48 -13.70
CA HIS B 79 -3.14 15.85 -13.22
C HIS B 79 -4.52 16.03 -12.74
N GLN B 80 -5.47 15.64 -13.58
CA GLN B 80 -6.82 15.89 -13.24
C GLN B 80 -7.20 15.16 -11.94
N ALA B 81 -6.64 13.96 -11.71
CA ALA B 81 -6.94 13.29 -10.45
C ALA B 81 -6.26 13.96 -9.23
N TYR B 82 -5.05 14.51 -9.38
CA TYR B 82 -4.40 15.21 -8.30
C TYR B 82 -5.25 16.42 -7.93
N GLU B 83 -5.77 17.12 -8.94
CA GLU B 83 -6.57 18.32 -8.74
C GLU B 83 -7.90 17.99 -8.04
N LEU B 84 -8.53 16.90 -8.40
CA LEU B 84 -9.74 16.56 -7.68
C LEU B 84 -9.41 16.50 -6.18
N TRP B 85 -8.28 15.91 -5.81
CA TRP B 85 -8.02 15.60 -4.40
C TRP B 85 -7.55 16.84 -3.67
N PHE B 86 -6.94 17.75 -4.40
CA PHE B 86 -6.53 19.03 -3.87
C PHE B 86 -7.79 19.69 -3.46
N LYS B 87 -8.83 19.56 -4.27
CA LYS B 87 -10.07 20.22 -3.93
C LYS B 87 -10.64 19.56 -2.69
N GLN B 88 -10.48 18.26 -2.56
CA GLN B 88 -10.98 17.61 -1.39
C GLN B 88 -10.19 18.11 -0.17
N ILE B 89 -8.84 18.17 -0.31
CA ILE B 89 -7.94 18.54 0.78
C ILE B 89 -8.32 19.93 1.19
N LEU B 90 -8.39 20.88 0.22
CA LEU B 90 -8.94 22.23 0.52
C LEU B 90 -10.33 22.28 1.17
N TRP B 91 -11.17 21.29 0.90
CA TRP B 91 -12.52 21.30 1.48
C TRP B 91 -12.43 20.95 2.97
N GLU B 92 -11.52 20.03 3.30
CA GLU B 92 -11.36 19.59 4.69
C GLU B 92 -10.67 20.68 5.51
N LEU B 93 -9.55 21.15 5.01
CA LEU B 93 -8.81 22.27 5.54
C LEU B 93 -9.62 23.49 5.91
N ASP B 94 -10.39 24.03 4.96
CA ASP B 94 -11.27 25.21 5.21
C ASP B 94 -12.27 24.93 6.30
N SER B 95 -12.88 23.75 6.29
CA SER B 95 -13.82 23.37 7.34
C SER B 95 -13.17 23.37 8.73
N VAL B 96 -11.94 22.87 8.79
CA VAL B 96 -11.15 22.86 10.00
C VAL B 96 -10.73 24.29 10.38
N ARG B 97 -10.19 25.04 9.43
CA ARG B 97 -9.89 26.46 9.62
C ARG B 97 -11.04 27.23 10.27
N GLU B 98 -12.25 26.92 9.81
CA GLU B 98 -13.45 27.62 10.20
C GLU B 98 -13.77 27.28 11.64
N ILE B 99 -13.52 26.04 12.06
CA ILE B 99 -13.82 25.63 13.42
C ILE B 99 -12.95 26.40 14.42
N PHE B 100 -11.73 26.77 14.02
CA PHE B 100 -10.85 27.62 14.88
C PHE B 100 -11.33 29.05 14.81
N GLN B 101 -11.50 29.54 13.60
CA GLN B 101 -11.91 30.92 13.40
C GLN B 101 -13.26 31.32 14.04
N ASN B 102 -14.00 30.31 14.46
CA ASN B 102 -15.43 30.29 14.65
C ASN B 102 -15.62 30.36 16.13
N GLY B 103 -14.56 29.99 16.87
CA GLY B 103 -14.70 29.72 18.29
C GLY B 103 -15.28 28.34 18.58
N HIS B 104 -15.64 27.57 17.55
CA HIS B 104 -16.18 26.24 17.79
C HIS B 104 -15.17 25.28 18.49
N VAL B 105 -13.86 25.37 18.18
CA VAL B 105 -12.85 24.60 18.97
C VAL B 105 -13.00 24.75 20.50
N ARG B 106 -13.47 25.91 20.98
CA ARG B 106 -13.59 26.11 22.44
C ARG B 106 -14.46 25.05 23.10
N ASP B 107 -15.49 24.55 22.38
CA ASP B 107 -16.28 23.41 22.79
C ASP B 107 -15.56 22.11 22.32
N GLU B 108 -14.99 21.45 23.33
CA GLU B 108 -14.26 20.24 23.14
C GLU B 108 -15.02 19.11 22.45
N ARG B 109 -16.35 19.11 22.51
CA ARG B 109 -17.17 18.29 21.59
C ARG B 109 -16.60 18.23 20.13
N ASN B 110 -15.86 19.25 19.66
CA ASN B 110 -15.50 19.42 18.23
C ASN B 110 -14.20 18.90 17.79
N MET B 111 -13.42 18.55 18.80
CA MET B 111 -12.05 18.16 18.63
C MET B 111 -11.92 16.89 17.78
N LEU B 112 -12.88 15.95 17.96
CA LEU B 112 -12.94 14.72 17.15
C LEU B 112 -13.12 14.97 15.67
N LYS B 113 -13.91 16.00 15.33
CA LYS B 113 -14.19 16.40 13.94
C LYS B 113 -12.92 17.04 13.32
N VAL B 114 -12.18 17.84 14.11
CA VAL B 114 -10.92 18.44 13.76
C VAL B 114 -9.88 17.36 13.47
N VAL B 115 -9.75 16.40 14.38
CA VAL B 115 -8.71 15.40 14.29
C VAL B 115 -9.02 14.41 13.19
N SER B 116 -10.28 14.07 13.04
CA SER B 116 -10.60 13.02 12.09
C SER B 116 -10.49 13.60 10.67
N ARG B 117 -10.87 14.89 10.49
CA ARG B 117 -10.64 15.59 9.23
C ARG B 117 -9.19 15.75 8.86
N MET B 118 -8.35 16.11 9.83
CA MET B 118 -6.92 16.23 9.69
C MET B 118 -6.32 14.85 9.36
N HIS B 119 -6.71 13.85 10.13
CA HIS B 119 -6.33 12.55 9.73
C HIS B 119 -6.58 12.21 8.24
N ARG B 120 -7.77 12.67 7.76
CA ARG B 120 -8.29 12.34 6.46
C ARG B 120 -7.39 12.98 5.44
N VAL B 121 -7.03 14.24 5.65
CA VAL B 121 -6.11 14.92 4.76
C VAL B 121 -4.78 14.11 4.65
N SER B 122 -4.37 13.49 5.74
CA SER B 122 -3.15 12.83 5.69
C SER B 122 -3.37 11.55 4.88
N VAL B 123 -4.56 10.94 5.00
CA VAL B 123 -4.80 9.68 4.25
C VAL B 123 -4.82 9.96 2.74
N ILE B 124 -5.53 11.02 2.30
CA ILE B 124 -5.43 11.50 0.92
C ILE B 124 -3.99 11.72 0.44
N LEU B 125 -3.24 12.52 1.17
CA LEU B 125 -1.88 12.80 0.83
C LEU B 125 -1.06 11.50 0.69
N LYS B 126 -1.35 10.53 1.55
CA LYS B 126 -0.60 9.33 1.42
C LYS B 126 -0.86 8.75 0.02
N LEU B 127 -2.12 8.62 -0.35
CA LEU B 127 -2.51 8.15 -1.64
C LEU B 127 -1.93 9.01 -2.76
N LEU B 128 -1.99 10.34 -2.60
CA LEU B 128 -1.36 11.20 -3.62
C LEU B 128 0.11 10.84 -3.84
N VAL B 129 0.79 10.42 -2.77
CA VAL B 129 2.19 10.07 -2.87
C VAL B 129 2.35 8.78 -3.70
N GLN B 130 1.53 7.76 -3.45
CA GLN B 130 1.46 6.48 -4.16
C GLN B 130 1.06 6.64 -5.63
N GLN B 131 0.34 7.70 -5.91
CA GLN B 131 -0.18 7.96 -7.23
C GLN B 131 0.91 8.33 -8.25
N PHE B 132 2.12 8.66 -7.80
CA PHE B 132 3.23 8.93 -8.74
C PHE B 132 3.63 7.68 -9.49
N SER B 133 3.54 6.54 -8.83
CA SER B 133 3.87 5.30 -9.47
C SER B 133 3.14 5.05 -10.82
N ILE B 134 1.98 5.65 -11.02
CA ILE B 134 1.26 5.53 -12.28
C ILE B 134 2.01 6.30 -13.30
N LEU B 135 2.45 7.49 -12.96
CA LEU B 135 3.11 8.30 -13.98
C LEU B 135 4.51 7.83 -14.25
N GLU B 136 5.06 7.03 -13.37
CA GLU B 136 6.42 6.49 -13.63
C GLU B 136 6.43 5.42 -14.67
N THR B 137 5.22 4.98 -15.07
CA THR B 137 5.08 3.99 -16.14
C THR B 137 5.21 4.67 -17.50
N MET B 138 5.53 5.98 -17.51
CA MET B 138 5.72 6.74 -18.72
C MET B 138 7.20 7.03 -18.90
N THR B 139 7.73 6.80 -20.08
CA THR B 139 9.16 6.95 -20.27
C THR B 139 9.55 8.35 -20.61
N ALA B 140 10.74 8.72 -20.16
CA ALA B 140 11.33 9.92 -20.67
C ALA B 140 11.06 9.98 -22.18
N LEU B 141 11.42 8.91 -22.88
CA LEU B 141 11.31 8.88 -24.35
C LEU B 141 9.88 9.15 -24.88
N ASP B 142 8.88 8.58 -24.23
CA ASP B 142 7.49 8.88 -24.58
C ASP B 142 7.04 10.29 -24.21
N PHE B 143 7.42 10.79 -23.02
CA PHE B 143 7.06 12.14 -22.61
C PHE B 143 7.54 13.17 -23.66
N ASN B 144 8.81 13.00 -24.06
CA ASN B 144 9.48 13.79 -25.10
C ASN B 144 8.69 14.05 -26.37
N ASP B 145 7.86 13.06 -26.75
CA ASP B 145 7.02 13.16 -27.93
C ASP B 145 5.87 14.13 -27.81
N PHE B 146 5.33 14.40 -26.64
CA PHE B 146 4.30 15.39 -26.57
C PHE B 146 4.69 16.64 -25.76
N ARG B 147 5.83 16.56 -25.04
CA ARG B 147 6.40 17.66 -24.25
C ARG B 147 6.23 19.03 -24.88
N GLU B 148 6.62 19.14 -26.16
CA GLU B 148 6.59 20.40 -26.91
C GLU B 148 5.19 21.03 -26.97
N TYR B 149 4.16 20.21 -27.07
CA TYR B 149 2.79 20.70 -27.14
C TYR B 149 2.30 21.29 -25.82
N LEU B 150 3.04 21.05 -24.74
CA LEU B 150 2.66 21.49 -23.40
C LEU B 150 2.96 22.98 -23.17
N SER B 151 4.12 23.41 -23.68
CA SER B 151 4.62 24.78 -23.57
C SER B 151 3.57 25.92 -23.72
N PRO B 152 3.67 27.00 -22.95
CA PRO B 152 4.59 27.14 -21.82
C PRO B 152 3.98 26.75 -20.49
N ALA B 153 2.85 26.02 -20.48
CA ALA B 153 2.12 25.60 -19.25
C ALA B 153 3.04 25.04 -18.19
N SER B 154 2.66 25.27 -16.94
CA SER B 154 3.56 25.12 -15.81
C SER B 154 2.74 24.70 -14.61
N GLY B 155 3.35 23.93 -13.72
CA GLY B 155 2.67 23.53 -12.51
C GLY B 155 2.56 24.72 -11.59
N PHE B 156 3.43 25.72 -11.77
CA PHE B 156 3.25 27.01 -11.12
C PHE B 156 1.87 27.61 -11.32
N GLN B 157 1.23 27.38 -12.46
CA GLN B 157 -0.13 27.88 -12.69
C GLN B 157 -1.26 26.99 -12.08
N SER B 158 -0.91 26.01 -11.25
CA SER B 158 -1.93 25.34 -10.44
C SER B 158 -2.30 26.26 -9.28
N LEU B 159 -3.48 26.87 -9.43
CA LEU B 159 -4.11 27.68 -8.42
C LEU B 159 -4.26 26.87 -7.10
N GLN B 160 -4.81 25.67 -7.18
CA GLN B 160 -5.18 24.96 -5.96
C GLN B 160 -3.99 24.53 -5.11
N PHE B 161 -2.90 24.18 -5.76
CA PHE B 161 -1.76 23.74 -5.04
C PHE B 161 -1.25 24.91 -4.26
N ARG B 162 -1.35 26.08 -4.86
CA ARG B 162 -0.81 27.28 -4.27
C ARG B 162 -1.72 27.70 -3.05
N LEU B 163 -3.05 27.63 -3.23
CA LEU B 163 -4.03 27.86 -2.15
C LEU B 163 -3.72 26.93 -0.99
N LEU B 164 -3.52 25.66 -1.30
CA LEU B 164 -3.15 24.70 -0.31
C LEU B 164 -2.00 25.20 0.55
N GLU B 165 -0.88 25.51 -0.05
CA GLU B 165 0.26 26.01 0.72
C GLU B 165 -0.09 27.20 1.63
N ASN B 166 -0.74 28.20 1.03
CA ASN B 166 -1.18 29.38 1.74
C ASN B 166 -2.08 29.08 2.93
N LYS B 167 -3.04 28.19 2.77
CA LYS B 167 -4.00 27.97 3.81
C LYS B 167 -3.38 27.21 4.93
N ILE B 168 -2.43 26.33 4.63
CA ILE B 168 -1.69 25.56 5.67
C ILE B 168 -0.90 26.59 6.48
N GLY B 169 -0.21 27.48 5.77
CA GLY B 169 0.74 28.35 6.38
C GLY B 169 2.03 28.74 5.69
N VAL B 170 2.44 28.06 4.58
CA VAL B 170 3.88 28.20 4.13
C VAL B 170 4.31 29.65 3.96
N LEU B 171 5.57 29.96 4.29
CA LEU B 171 6.14 31.34 4.21
C LEU B 171 5.79 32.13 2.94
N LYS B 188 -3.38 37.23 -11.41
CA LYS B 188 -3.38 36.53 -12.69
C LYS B 188 -4.88 36.27 -13.01
N GLY B 189 -5.45 37.04 -14.03
CA GLY B 189 -6.93 37.14 -14.23
C GLY B 189 -7.74 37.42 -12.92
N GLU B 190 -8.98 36.90 -12.78
CA GLU B 190 -9.76 37.13 -11.54
C GLU B 190 -9.40 36.19 -10.36
N GLU B 191 -8.94 34.96 -10.67
CA GLU B 191 -8.44 33.91 -9.71
C GLU B 191 -7.55 34.44 -8.60
N ASN B 192 -6.97 35.60 -8.87
CA ASN B 192 -6.28 36.46 -7.93
C ASN B 192 -7.04 36.75 -6.61
N GLU B 193 -8.34 37.02 -6.74
CA GLU B 193 -9.29 37.10 -5.62
C GLU B 193 -9.18 35.94 -4.61
N LEU B 194 -9.38 34.69 -5.05
CA LEU B 194 -9.15 33.48 -4.25
C LEU B 194 -7.72 33.44 -3.66
N LEU B 195 -6.72 33.73 -4.50
CA LEU B 195 -5.32 33.64 -4.11
C LEU B 195 -4.91 34.72 -3.07
N LEU B 196 -5.27 35.99 -3.34
CA LEU B 196 -5.03 37.07 -2.37
C LEU B 196 -5.75 36.78 -1.04
N LYS B 197 -6.99 36.27 -1.11
CA LYS B 197 -7.87 35.95 0.03
C LYS B 197 -7.21 34.97 0.96
N SER B 198 -6.55 34.00 0.34
CA SER B 198 -5.90 32.91 0.99
C SER B 198 -4.57 33.31 1.64
N GLU B 199 -3.99 34.45 1.22
CA GLU B 199 -2.84 35.06 1.90
C GLU B 199 -3.26 36.00 3.05
N GLN B 200 -4.27 36.85 2.82
CA GLN B 200 -4.80 37.78 3.86
C GLN B 200 -5.32 36.97 5.07
N GLU B 201 -6.11 35.90 4.77
CA GLU B 201 -6.95 35.24 5.78
C GLU B 201 -6.07 34.35 6.68
N LYS B 202 -6.61 34.04 7.84
CA LYS B 202 -5.89 33.33 8.84
C LYS B 202 -5.55 31.91 8.37
N THR B 203 -4.26 31.61 8.36
CA THR B 203 -3.78 30.29 7.94
C THR B 203 -4.01 29.33 9.10
N LEU B 204 -3.74 28.05 8.85
CA LEU B 204 -3.88 26.98 9.85
C LEU B 204 -2.82 27.08 10.91
N LEU B 205 -1.64 27.53 10.51
CA LEU B 205 -0.55 27.78 11.42
C LEU B 205 -1.04 28.76 12.51
N GLU B 206 -1.61 29.87 12.07
CA GLU B 206 -2.01 30.94 13.01
C GLU B 206 -3.11 30.48 13.95
N LEU B 207 -4.11 29.79 13.40
CA LEU B 207 -5.24 29.33 14.18
C LEU B 207 -4.78 28.35 15.25
N VAL B 208 -3.87 27.45 14.86
CA VAL B 208 -3.30 26.48 15.80
C VAL B 208 -2.45 27.19 16.86
N GLU B 209 -1.74 28.24 16.44
CA GLU B 209 -0.92 28.99 17.34
C GLU B 209 -1.83 29.63 18.44
N ALA B 210 -2.87 30.40 18.05
CA ALA B 210 -3.87 30.99 18.95
C ALA B 210 -4.36 29.94 19.96
N TRP B 211 -4.78 28.82 19.44
CA TRP B 211 -5.24 27.73 20.26
C TRP B 211 -4.17 27.16 21.22
N LEU B 212 -2.92 27.11 20.75
CA LEU B 212 -1.81 26.68 21.61
C LEU B 212 -1.59 27.67 22.81
N GLU B 213 -1.66 28.99 22.52
CA GLU B 213 -1.45 30.02 23.48
C GLU B 213 -2.39 29.85 24.66
N ARG B 214 -3.57 29.29 24.43
CA ARG B 214 -4.62 29.14 25.48
C ARG B 214 -4.64 27.76 26.17
N THR B 215 -3.66 26.89 25.90
CA THR B 215 -3.59 25.57 26.54
C THR B 215 -3.71 25.65 28.09
N PRO B 216 -4.53 24.80 28.72
CA PRO B 216 -4.57 24.78 30.19
C PRO B 216 -3.19 24.40 30.79
N GLY B 217 -2.76 25.09 31.85
CA GLY B 217 -1.62 24.59 32.61
C GLY B 217 -0.40 25.47 32.63
N LEU B 218 -0.44 26.57 31.86
CA LEU B 218 0.64 27.55 31.78
C LEU B 218 0.52 28.73 32.74
N GLU B 219 -0.69 28.98 33.26
CA GLU B 219 -0.99 30.10 34.18
C GLU B 219 0.00 30.06 35.33
N PRO B 220 0.75 31.16 35.53
CA PRO B 220 1.73 31.26 36.66
C PRO B 220 1.16 31.11 38.10
N HIS B 221 -0.16 31.25 38.26
CA HIS B 221 -0.80 30.97 39.55
C HIS B 221 -1.75 29.75 39.52
N GLY B 222 -1.71 29.01 38.41
CA GLY B 222 -2.25 27.66 38.39
C GLY B 222 -1.18 26.58 38.49
N PHE B 223 -1.02 25.81 37.42
CA PHE B 223 -0.05 24.72 37.41
C PHE B 223 1.40 25.25 37.30
N ASN B 224 1.51 26.43 36.67
CA ASN B 224 2.75 27.16 36.43
C ASN B 224 3.79 26.35 35.68
N PHE B 225 3.32 25.65 34.64
CA PHE B 225 4.13 24.62 33.99
C PHE B 225 5.55 25.07 33.63
N TRP B 226 5.68 26.27 33.06
CA TRP B 226 6.96 26.78 32.54
C TRP B 226 7.93 27.13 33.62
N GLY B 227 7.37 27.59 34.75
CA GLY B 227 8.17 27.88 35.95
C GLY B 227 8.70 26.59 36.55
N LYS B 228 7.80 25.60 36.78
CA LYS B 228 8.17 24.28 37.33
C LYS B 228 9.19 23.52 36.37
N LEU B 229 8.93 23.56 35.06
CA LEU B 229 9.85 22.95 34.07
C LEU B 229 11.29 23.50 34.19
N GLU B 230 11.41 24.83 34.25
CA GLU B 230 12.69 25.49 34.33
C GLU B 230 13.43 25.06 35.60
N LYS B 231 12.75 25.17 36.73
CA LYS B 231 13.26 24.78 38.06
C LYS B 231 13.76 23.34 38.01
N ASN B 232 12.90 22.40 37.64
CA ASN B 232 13.32 21.00 37.50
C ASN B 232 14.54 20.85 36.59
N ILE B 233 14.49 21.57 35.44
CA ILE B 233 15.62 21.51 34.47
C ILE B 233 16.94 22.05 35.06
N THR B 234 17.01 23.28 35.59
CA THR B 234 18.29 23.76 36.25
C THR B 234 18.74 22.87 37.44
N ARG B 235 17.77 22.27 38.16
CA ARG B 235 18.04 21.27 39.19
C ARG B 235 18.63 19.92 38.69
N GLY B 236 17.84 19.07 37.94
CA GLY B 236 18.38 17.78 37.27
C GLY B 236 19.84 17.93 36.84
N LEU B 237 20.17 19.13 36.34
CA LEU B 237 21.41 19.45 35.67
C LEU B 237 22.63 19.49 36.57
N GLU B 238 22.54 20.33 37.59
CA GLU B 238 23.57 20.38 38.62
C GLU B 238 23.61 19.12 39.50
N GLU B 239 22.51 18.30 39.50
CA GLU B 239 22.47 16.94 40.17
C GLU B 239 23.62 15.96 39.83
N GLU B 240 23.73 15.37 38.60
CA GLU B 240 24.94 14.52 38.41
C GLU B 240 26.24 15.34 38.23
N PHE B 241 26.13 16.36 37.16
CA PHE B 241 27.21 17.35 36.82
C PHE B 241 28.68 16.90 37.18
N GLN B 256 35.11 15.11 29.28
CA GLN B 256 33.66 14.86 29.01
C GLN B 256 32.73 16.07 29.52
N VAL B 257 33.42 17.18 29.97
CA VAL B 257 32.85 18.51 30.19
C VAL B 257 31.98 18.96 29.00
N ALA B 258 32.48 18.58 27.76
CA ALA B 258 31.82 18.80 26.45
C ALA B 258 30.51 18.04 26.24
N GLU B 259 30.33 16.90 26.93
CA GLU B 259 29.00 16.19 26.86
C GLU B 259 27.91 17.02 27.60
N PHE B 260 28.24 17.44 28.84
CA PHE B 260 27.33 18.21 29.68
C PHE B 260 27.13 19.64 29.13
N GLN B 261 28.22 20.46 29.12
CA GLN B 261 28.19 21.85 28.59
C GLN B 261 27.47 22.01 27.24
N LYS B 262 27.51 20.96 26.40
CA LYS B 262 26.77 20.88 25.12
C LYS B 262 25.54 19.93 25.10
N GLN B 263 24.96 19.66 26.29
CA GLN B 263 23.50 19.34 26.43
C GLN B 263 22.78 20.37 27.32
N LYS B 264 23.59 21.22 27.98
CA LYS B 264 23.15 22.34 28.82
C LYS B 264 22.50 23.45 27.97
N GLU B 265 23.34 24.18 27.24
CA GLU B 265 22.94 25.14 26.19
C GLU B 265 21.63 24.84 25.45
N VAL B 266 21.39 23.63 24.91
CA VAL B 266 20.09 23.33 24.28
C VAL B 266 18.94 23.23 25.28
N LEU B 267 19.17 22.61 26.45
CA LEU B 267 18.06 22.45 27.40
C LEU B 267 17.60 23.78 27.94
N LEU B 268 18.41 24.45 28.78
CA LEU B 268 18.03 25.78 29.35
C LEU B 268 17.80 26.81 28.25
N SER B 269 18.43 26.62 27.08
CA SER B 269 18.12 27.42 25.93
C SER B 269 16.64 27.28 25.53
N LEU B 270 15.85 26.48 26.23
CA LEU B 270 14.44 26.42 25.92
C LEU B 270 13.76 27.64 26.54
N PHE B 271 14.46 28.24 27.52
CA PHE B 271 13.93 29.31 28.34
C PHE B 271 14.39 30.69 27.93
N ASP B 272 15.36 30.82 27.00
CA ASP B 272 15.77 32.17 26.66
C ASP B 272 14.89 32.70 25.52
N GLU B 273 13.70 33.21 25.90
CA GLU B 273 12.91 33.98 24.92
C GLU B 273 13.75 34.62 23.77
N LYS B 274 14.88 35.29 24.09
CA LYS B 274 15.72 35.99 23.06
C LYS B 274 16.21 35.27 21.78
N ARG B 275 16.81 34.08 21.93
CA ARG B 275 17.11 33.24 20.78
C ARG B 275 15.76 32.89 20.07
N HIS B 276 14.70 32.57 20.84
CA HIS B 276 13.36 32.43 20.24
C HIS B 276 12.87 33.67 19.45
N GLU B 277 12.74 34.83 20.10
CA GLU B 277 12.24 36.02 19.40
C GLU B 277 13.12 36.38 18.20
N HIS B 278 14.42 36.01 18.28
CA HIS B 278 15.40 36.24 17.20
C HIS B 278 15.23 35.28 16.04
N LEU B 279 15.15 33.98 16.35
CA LEU B 279 14.93 32.96 15.32
C LEU B 279 13.62 33.15 14.51
N LEU B 280 12.58 33.67 15.17
CA LEU B 280 11.32 34.06 14.52
C LEU B 280 11.54 35.20 13.54
N SER B 281 12.58 36.00 13.74
CA SER B 281 12.88 37.09 12.81
C SER B 281 13.63 36.71 11.51
N LYS B 282 14.33 35.57 11.48
CA LYS B 282 14.92 35.03 10.22
C LYS B 282 14.25 33.70 9.81
N GLY B 283 12.92 33.64 9.91
CA GLY B 283 12.10 32.49 9.48
C GLY B 283 12.39 31.12 10.09
N GLU B 284 13.30 31.04 11.06
CA GLU B 284 13.73 29.75 11.58
C GLU B 284 12.66 29.16 12.47
N ARG B 285 11.94 30.02 13.20
CA ARG B 285 10.76 29.60 13.93
C ARG B 285 9.47 30.25 13.43
N ARG B 286 8.34 29.65 13.81
CA ARG B 286 7.04 30.10 13.31
C ARG B 286 5.98 30.37 14.41
N LEU B 287 5.89 29.48 15.40
CA LEU B 287 5.05 29.66 16.55
C LEU B 287 5.62 30.74 17.48
N SER B 288 4.76 31.30 18.30
CA SER B 288 5.14 32.27 19.30
C SER B 288 5.67 31.52 20.54
N TYR B 289 6.16 32.28 21.51
CA TYR B 289 6.71 31.65 22.67
C TYR B 289 5.64 30.98 23.51
N ARG B 290 4.58 31.69 23.86
CA ARG B 290 3.48 31.04 24.59
C ARG B 290 2.97 29.83 23.78
N ALA B 291 2.88 29.99 22.46
CA ALA B 291 2.46 28.86 21.57
C ALA B 291 3.27 27.61 21.84
N LEU B 292 4.59 27.78 21.87
CA LEU B 292 5.55 26.74 22.26
C LEU B 292 5.23 25.97 23.57
N GLN B 293 5.00 26.75 24.64
CA GLN B 293 4.81 26.19 25.96
C GLN B 293 3.57 25.28 25.97
N GLY B 294 2.51 25.78 25.34
CA GLY B 294 1.31 25.02 25.11
C GLY B 294 1.58 23.67 24.47
N ALA B 295 2.36 23.69 23.37
CA ALA B 295 2.69 22.47 22.57
C ALA B 295 3.43 21.48 23.42
N LEU B 296 4.40 22.00 24.19
CA LEU B 296 5.20 21.19 25.09
C LEU B 296 4.40 20.60 26.25
N MET B 297 3.37 21.36 26.69
CA MET B 297 2.51 20.98 27.83
C MET B 297 1.72 19.81 27.34
N ILE B 298 1.21 19.97 26.13
CA ILE B 298 0.46 18.89 25.49
C ILE B 298 1.33 17.64 25.29
N TYR B 299 2.56 17.88 24.77
CA TYR B 299 3.58 16.84 24.49
C TYR B 299 3.82 16.04 25.80
N PHE B 300 4.25 16.76 26.86
CA PHE B 300 4.55 16.16 28.15
C PHE B 300 3.44 15.41 28.89
N TYR B 301 2.21 15.98 28.85
CA TYR B 301 1.02 15.46 29.59
C TYR B 301 -0.07 14.90 28.62
N ARG B 302 0.39 14.49 27.43
CA ARG B 302 -0.39 13.82 26.39
C ARG B 302 -1.35 12.74 26.92
N GLU B 303 -0.94 11.96 27.91
CA GLU B 303 -1.81 10.91 28.51
C GLU B 303 -3.07 11.42 29.34
N GLU B 304 -2.99 12.62 29.95
CA GLU B 304 -4.13 13.17 30.72
C GLU B 304 -5.26 13.30 29.77
N PRO B 305 -6.45 12.76 30.12
CA PRO B 305 -7.57 12.65 29.13
C PRO B 305 -7.83 13.88 28.22
N ARG B 306 -7.88 15.08 28.79
CA ARG B 306 -8.08 16.32 28.02
C ARG B 306 -6.90 16.66 27.11
N PHE B 307 -5.75 16.03 27.33
CA PHE B 307 -4.70 16.16 26.34
C PHE B 307 -4.67 15.07 25.23
N GLN B 308 -5.41 13.97 25.43
CA GLN B 308 -5.36 12.87 24.48
C GLN B 308 -5.57 13.26 23.03
N VAL B 309 -6.79 13.64 22.69
CA VAL B 309 -7.08 14.13 21.34
C VAL B 309 -6.17 15.32 20.89
N PRO B 310 -5.96 16.38 21.73
CA PRO B 310 -5.04 17.42 21.14
C PRO B 310 -3.63 16.91 20.74
N PHE B 311 -3.16 15.83 21.38
CA PHE B 311 -1.88 15.26 21.05
C PHE B 311 -1.96 14.64 19.63
N GLN B 312 -3.00 13.82 19.42
CA GLN B 312 -3.35 13.33 18.09
C GLN B 312 -3.27 14.49 17.07
N LEU B 313 -3.82 15.66 17.46
CA LEU B 313 -3.89 16.82 16.55
C LEU B 313 -2.50 17.25 16.07
N LEU B 314 -1.57 17.35 17.02
CA LEU B 314 -0.20 17.75 16.72
C LEU B 314 0.50 16.72 15.89
N THR B 315 0.22 15.45 16.18
CA THR B 315 0.70 14.39 15.31
C THR B 315 0.19 14.55 13.87
N SER B 316 -1.13 14.74 13.62
CA SER B 316 -1.62 14.93 12.24
C SER B 316 -0.94 16.08 11.54
N LEU B 317 -0.74 17.16 12.29
CA LEU B 317 -0.16 18.36 11.71
C LEU B 317 1.24 18.11 11.13
N MET B 318 2.06 17.39 11.91
CA MET B 318 3.37 16.92 11.53
C MET B 318 3.31 15.97 10.33
N ASP B 319 2.35 15.03 10.39
CA ASP B 319 2.07 14.10 9.30
C ASP B 319 1.78 14.84 8.02
N ILE B 320 1.00 15.94 8.11
CA ILE B 320 0.65 16.73 6.95
C ILE B 320 1.89 17.33 6.34
N ASP B 321 2.73 17.87 7.21
CA ASP B 321 4.02 18.40 6.81
C ASP B 321 4.95 17.42 6.15
N SER B 322 5.16 16.27 6.77
CA SER B 322 6.01 15.28 6.18
C SER B 322 5.62 14.90 4.75
N LEU B 323 4.28 14.72 4.59
CA LEU B 323 3.74 14.07 3.45
C LEU B 323 3.70 15.10 2.38
N MET B 324 3.40 16.35 2.74
CA MET B 324 3.56 17.42 1.78
C MET B 324 5.00 17.44 1.18
N THR B 325 6.04 17.30 2.01
CA THR B 325 7.43 17.14 1.58
C THR B 325 7.64 15.89 0.68
N LYS B 326 7.15 14.72 1.13
CA LYS B 326 7.07 13.56 0.28
C LYS B 326 6.49 13.80 -1.15
N TRP B 327 5.40 14.53 -1.23
CA TRP B 327 4.84 14.86 -2.54
C TRP B 327 5.93 15.62 -3.33
N ARG B 328 6.35 16.76 -2.76
CA ARG B 328 7.32 17.65 -3.37
C ARG B 328 8.53 16.87 -3.84
N TYR B 329 8.96 15.90 -3.01
CA TYR B 329 10.14 15.08 -3.24
C TYR B 329 9.98 14.11 -4.44
N ASN B 330 8.83 13.45 -4.53
CA ASN B 330 8.48 12.64 -5.68
C ASN B 330 8.20 13.44 -6.92
N HIS B 331 7.57 14.61 -6.82
CA HIS B 331 7.48 15.40 -8.02
C HIS B 331 8.93 15.62 -8.50
N VAL B 332 9.87 15.83 -7.57
CA VAL B 332 11.26 16.18 -7.94
C VAL B 332 11.96 15.04 -8.71
N CYS B 333 11.85 13.81 -8.19
CA CYS B 333 12.19 12.57 -8.90
C CYS B 333 11.57 12.45 -10.29
N MET B 334 10.28 12.67 -10.46
CA MET B 334 9.65 12.66 -11.78
C MET B 334 10.43 13.54 -12.75
N VAL B 335 10.55 14.81 -12.36
CA VAL B 335 11.17 15.81 -13.17
C VAL B 335 12.51 15.25 -13.63
N HIS B 336 13.28 14.70 -12.70
CA HIS B 336 14.60 14.11 -12.97
C HIS B 336 14.50 12.93 -13.96
N ARG B 337 13.47 12.09 -13.84
CA ARG B 337 13.33 10.95 -14.74
C ARG B 337 12.89 11.36 -16.15
N MET B 338 12.15 12.43 -16.25
CA MET B 338 11.75 12.93 -17.52
C MET B 338 12.84 13.80 -18.12
N LEU B 339 13.23 14.85 -17.39
CA LEU B 339 14.03 15.88 -17.99
C LEU B 339 15.53 15.79 -17.68
N GLY B 340 15.94 14.98 -16.71
CA GLY B 340 17.35 14.99 -16.28
C GLY B 340 17.81 16.27 -15.54
N SER B 341 19.13 16.57 -15.69
CA SER B 341 19.75 17.85 -15.25
C SER B 341 20.74 18.33 -16.31
N GLY B 350 14.43 25.85 -12.89
CA GLY B 350 13.33 24.88 -12.77
C GLY B 350 13.58 23.81 -11.70
N TYR B 351 14.16 22.66 -12.16
CA TYR B 351 14.61 21.52 -11.31
C TYR B 351 15.33 21.91 -9.97
N HIS B 352 16.27 22.85 -10.04
CA HIS B 352 17.14 23.23 -8.90
C HIS B 352 16.39 24.04 -7.82
N TYR B 353 15.44 24.87 -8.25
CA TYR B 353 14.45 25.45 -7.34
C TYR B 353 13.53 24.39 -6.64
N LEU B 354 13.06 23.40 -7.41
CA LEU B 354 12.17 22.38 -6.84
C LEU B 354 12.83 21.60 -5.71
N ARG B 355 14.11 21.23 -5.87
CA ARG B 355 14.90 20.55 -4.83
C ARG B 355 14.94 21.34 -3.48
N SER B 356 14.98 22.68 -3.60
CA SER B 356 15.02 23.54 -2.43
C SER B 356 13.69 23.54 -1.66
N THR B 357 12.59 23.13 -2.34
CA THR B 357 11.26 23.01 -1.63
C THR B 357 11.18 21.78 -0.76
N VAL B 358 12.16 20.89 -0.92
CA VAL B 358 12.24 19.69 -0.10
C VAL B 358 12.91 20.06 1.26
N SER B 359 12.94 21.36 1.57
CA SER B 359 13.60 21.88 2.78
C SER B 359 12.66 21.98 3.97
N ASP B 360 13.25 22.22 5.14
CA ASP B 360 12.46 22.57 6.29
C ASP B 360 11.87 23.96 6.11
N ARG B 361 12.55 24.79 5.30
CA ARG B 361 11.97 26.04 4.82
C ARG B 361 10.47 25.90 4.53
N TYR B 362 10.06 24.83 3.86
CA TYR B 362 8.62 24.62 3.59
C TYR B 362 7.88 23.76 4.65
N LYS B 363 8.48 23.56 5.83
CA LYS B 363 7.76 22.87 6.92
C LYS B 363 7.07 23.87 7.86
N VAL B 364 5.76 24.00 7.65
CA VAL B 364 4.88 24.92 8.43
C VAL B 364 4.99 24.67 9.93
N PHE B 365 5.04 23.40 10.32
CA PHE B 365 5.22 23.02 11.71
C PHE B 365 6.62 22.51 12.17
N VAL B 366 7.69 23.05 11.58
CA VAL B 366 9.04 22.93 12.15
C VAL B 366 9.07 22.99 13.71
N ASP B 367 8.43 24.01 14.31
CA ASP B 367 8.46 24.20 15.78
C ASP B 367 7.97 22.98 16.51
N LEU B 368 7.07 22.25 15.90
CA LEU B 368 6.52 21.06 16.51
C LEU B 368 7.42 19.86 16.33
N PHE B 369 8.07 19.79 15.17
CA PHE B 369 9.02 18.73 14.95
C PHE B 369 10.14 18.86 16.00
N ASN B 370 10.56 20.11 16.24
CA ASN B 370 11.68 20.41 17.16
C ASN B 370 11.34 20.35 18.62
N LEU B 371 10.05 20.36 18.92
CA LEU B 371 9.62 19.98 20.25
C LEU B 371 9.89 18.50 20.65
N SER B 372 10.80 17.83 19.91
CA SER B 372 11.46 16.56 20.29
C SER B 372 12.95 16.71 20.76
N THR B 373 13.69 17.69 20.24
CA THR B 373 15.06 17.94 20.68
C THR B 373 15.09 18.37 22.19
N TYR B 374 13.89 18.67 22.74
CA TYR B 374 13.67 19.09 24.15
C TYR B 374 13.08 17.98 24.97
N LEU B 375 13.40 16.74 24.58
CA LEU B 375 13.17 15.57 25.42
C LEU B 375 14.08 15.60 26.62
N ILE B 376 13.45 15.46 27.77
CA ILE B 376 14.11 15.37 29.09
C ILE B 376 13.84 13.99 29.71
N PRO B 377 14.63 13.61 30.72
CA PRO B 377 14.33 12.43 31.54
C PRO B 377 12.96 12.58 32.21
N ARG B 378 12.20 11.49 32.30
CA ARG B 378 10.79 11.57 32.80
C ARG B 378 10.68 12.08 34.25
N HIS B 379 11.76 11.87 35.04
CA HIS B 379 11.93 12.40 36.40
C HIS B 379 11.83 13.93 36.39
N TRP B 380 12.41 14.59 35.37
CA TRP B 380 12.40 16.05 35.34
C TRP B 380 11.03 16.65 34.95
N ILE B 381 10.10 15.81 34.44
CA ILE B 381 8.80 16.30 34.04
C ILE B 381 8.00 16.67 35.30
N PRO B 382 7.51 17.96 35.38
CA PRO B 382 6.84 18.35 36.62
C PRO B 382 5.61 17.50 36.91
N LYS B 383 5.45 17.09 38.17
CA LYS B 383 4.40 16.15 38.53
C LYS B 383 3.02 16.80 38.59
N MET B 384 2.03 16.15 37.98
CA MET B 384 0.63 16.46 38.23
C MET B 384 0.24 16.13 39.69
N ASN B 385 -0.39 17.13 40.33
CA ASN B 385 -1.21 17.02 41.53
C ASN B 385 -2.69 16.88 41.08
N PRO B 386 -3.68 16.84 42.04
CA PRO B 386 -5.14 17.10 41.71
C PRO B 386 -5.43 18.42 40.90
N THR B 387 -5.21 18.33 39.57
CA THR B 387 -5.38 19.40 38.56
C THR B 387 -6.90 19.72 38.38
N ILE B 388 -7.51 19.11 37.33
CA ILE B 388 -8.79 19.56 36.69
C ILE B 388 -9.72 18.35 36.39
N HIS B 389 -9.17 17.13 36.41
CA HIS B 389 -9.88 15.89 35.94
C HIS B 389 -9.10 14.62 36.34
N ILE C 44 28.31 -4.11 18.36
CA ILE C 44 26.99 -4.21 19.14
C ILE C 44 25.73 -4.48 18.25
N TYR C 45 25.48 -3.61 17.26
CA TYR C 45 24.27 -3.68 16.37
C TYR C 45 23.88 -5.12 16.05
N GLY C 46 24.83 -5.88 15.44
CA GLY C 46 24.72 -7.33 15.29
C GLY C 46 24.20 -8.14 16.48
N ASN C 47 24.88 -8.00 17.65
CA ASN C 47 24.57 -8.81 18.88
C ASN C 47 23.30 -8.36 19.58
N TYR C 48 23.05 -7.05 19.46
CA TYR C 48 21.85 -6.45 19.99
C TYR C 48 20.60 -7.01 19.27
N LEU C 49 20.78 -7.32 17.97
CA LEU C 49 19.64 -7.76 17.11
C LEU C 49 19.56 -9.26 17.04
N HIS C 50 20.50 -9.90 17.77
CA HIS C 50 20.78 -11.33 17.73
C HIS C 50 20.83 -11.82 16.28
N LEU C 51 21.62 -11.08 15.49
CA LEU C 51 21.77 -11.41 14.09
C LEU C 51 22.49 -12.74 13.86
N GLU C 52 23.51 -13.09 14.64
CA GLU C 52 23.97 -14.49 14.69
C GLU C 52 22.85 -15.57 14.76
N LYS C 53 21.65 -15.21 15.24
CA LYS C 53 20.45 -16.07 15.22
C LYS C 53 19.53 -15.73 14.00
N VAL C 54 19.16 -14.45 13.81
CA VAL C 54 18.22 -14.07 12.76
C VAL C 54 18.74 -14.47 11.37
N LEU C 55 20.02 -14.26 11.17
CA LEU C 55 20.61 -14.48 9.86
C LEU C 55 21.28 -15.84 9.66
N ASN C 56 20.82 -16.86 10.40
CA ASN C 56 21.30 -18.24 10.32
C ASN C 56 20.13 -19.17 10.56
N ALA C 57 19.00 -18.85 9.89
CA ALA C 57 17.76 -19.60 10.08
C ALA C 57 17.17 -20.10 8.73
N GLN C 58 17.91 -19.75 7.68
CA GLN C 58 17.59 -19.98 6.30
C GLN C 58 18.24 -21.31 5.86
N GLU C 59 17.43 -22.37 5.86
CA GLU C 59 17.87 -23.69 5.38
C GLU C 59 16.97 -24.27 4.28
N LEU C 60 17.42 -24.18 3.03
CA LEU C 60 16.70 -24.72 1.89
C LEU C 60 16.61 -26.26 1.85
N GLN C 61 15.46 -26.79 2.28
CA GLN C 61 15.18 -28.24 2.33
C GLN C 61 15.47 -28.94 1.01
N SER C 62 15.29 -28.19 -0.08
CA SER C 62 15.73 -28.59 -1.39
C SER C 62 17.26 -28.82 -1.53
N GLU C 63 18.04 -27.85 -1.00
CA GLU C 63 19.52 -27.90 -1.00
C GLU C 63 20.12 -29.06 -0.11
N THR C 64 19.38 -29.36 0.96
CA THR C 64 19.78 -30.41 1.87
C THR C 64 19.28 -31.76 1.28
N LYS C 65 18.64 -31.71 0.11
CA LYS C 65 18.39 -32.90 -0.69
C LYS C 65 19.20 -32.80 -1.98
N GLY C 66 20.29 -32.02 -1.92
CA GLY C 66 21.17 -31.75 -3.07
C GLY C 66 20.60 -31.13 -4.35
N ASN C 67 19.58 -30.28 -4.22
CA ASN C 67 18.89 -29.76 -5.40
C ASN C 67 18.35 -28.38 -5.11
N LYS C 68 19.28 -27.50 -4.74
CA LYS C 68 19.01 -26.10 -4.39
C LYS C 68 18.04 -25.43 -5.37
N ILE C 69 16.86 -25.02 -4.90
CA ILE C 69 15.97 -24.22 -5.73
C ILE C 69 16.03 -22.76 -5.29
N HIS C 70 16.61 -21.92 -6.12
CA HIS C 70 16.74 -20.50 -5.86
C HIS C 70 15.56 -19.91 -5.05
N ASP C 71 14.35 -20.15 -5.53
CA ASP C 71 13.15 -19.53 -5.02
C ASP C 71 12.73 -19.97 -3.64
N GLU C 72 13.01 -21.22 -3.26
CA GLU C 72 12.74 -21.63 -1.86
C GLU C 72 13.24 -20.63 -0.81
N HIS C 73 14.32 -19.94 -1.11
CA HIS C 73 14.87 -19.03 -0.16
C HIS C 73 13.92 -17.85 0.11
N LEU C 74 13.14 -17.46 -0.90
CA LEU C 74 12.19 -16.35 -0.80
C LEU C 74 10.98 -16.80 0.00
N PHE C 75 10.49 -17.99 -0.34
CA PHE C 75 9.51 -18.67 0.45
C PHE C 75 9.88 -18.71 1.92
N ILE C 76 11.13 -19.04 2.29
CA ILE C 76 11.49 -19.03 3.73
C ILE C 76 11.54 -17.59 4.31
N ILE C 77 12.37 -16.70 3.76
CA ILE C 77 12.43 -15.31 4.25
C ILE C 77 11.03 -14.69 4.42
N THR C 78 10.15 -14.86 3.42
CA THR C 78 8.81 -14.25 3.54
C THR C 78 8.09 -14.72 4.84
N HIS C 79 8.15 -16.02 5.17
CA HIS C 79 7.48 -16.49 6.37
C HIS C 79 8.14 -15.94 7.63
N GLN C 80 9.45 -16.10 7.77
CA GLN C 80 10.22 -15.48 8.88
C GLN C 80 9.80 -14.00 9.18
N ALA C 81 9.71 -13.16 8.15
CA ALA C 81 9.27 -11.78 8.31
C ALA C 81 7.81 -11.70 8.81
N TYR C 82 6.89 -12.49 8.24
CA TYR C 82 5.51 -12.54 8.78
C TYR C 82 5.46 -12.90 10.31
N GLU C 83 6.21 -13.94 10.70
CA GLU C 83 6.29 -14.43 12.07
C GLU C 83 6.99 -13.44 12.99
N LEU C 84 7.95 -12.68 12.47
CA LEU C 84 8.64 -11.64 13.24
C LEU C 84 7.56 -10.62 13.54
N TRP C 85 6.66 -10.38 12.60
CA TRP C 85 5.62 -9.41 12.80
C TRP C 85 4.48 -10.00 13.59
N PHE C 86 4.37 -11.31 13.67
CA PHE C 86 3.35 -11.87 14.50
C PHE C 86 3.82 -11.64 15.95
N LYS C 87 5.03 -12.05 16.27
CA LYS C 87 5.64 -11.77 17.57
C LYS C 87 5.27 -10.36 18.06
N GLN C 88 5.45 -9.34 17.21
CA GLN C 88 5.12 -7.94 17.53
C GLN C 88 3.61 -7.60 17.64
N ILE C 89 2.77 -8.20 16.81
CA ILE C 89 1.37 -8.04 17.00
C ILE C 89 1.00 -8.65 18.31
N LEU C 90 1.63 -9.76 18.69
CA LEU C 90 1.34 -10.43 19.95
C LEU C 90 1.75 -9.61 21.21
N TRP C 91 2.88 -8.90 21.10
CA TRP C 91 3.42 -7.99 22.12
C TRP C 91 2.49 -6.81 22.41
N GLU C 92 1.94 -6.17 21.38
CA GLU C 92 0.96 -5.11 21.52
C GLU C 92 -0.29 -5.73 22.07
N LEU C 93 -0.83 -6.68 21.30
CA LEU C 93 -2.08 -7.28 21.65
C LEU C 93 -2.07 -7.79 23.11
N ASP C 94 -1.01 -8.48 23.51
CA ASP C 94 -0.99 -8.99 24.87
C ASP C 94 -0.95 -7.86 25.94
N SER C 95 -0.16 -6.82 25.66
CA SER C 95 -0.02 -5.68 26.51
C SER C 95 -1.39 -4.96 26.57
N VAL C 96 -2.07 -4.79 25.44
CA VAL C 96 -3.39 -4.18 25.48
C VAL C 96 -4.35 -5.03 26.27
N ARG C 97 -4.29 -6.34 26.03
CA ARG C 97 -5.01 -7.30 26.85
C ARG C 97 -4.75 -7.06 28.32
N GLU C 98 -3.50 -6.72 28.65
CA GLU C 98 -3.10 -6.56 30.06
C GLU C 98 -3.65 -5.28 30.70
N ILE C 99 -3.62 -4.15 30.00
CA ILE C 99 -4.26 -2.93 30.48
C ILE C 99 -5.76 -3.11 30.79
N PHE C 100 -6.50 -3.87 29.96
CA PHE C 100 -7.85 -4.35 30.38
C PHE C 100 -7.89 -5.23 31.63
N GLN C 101 -7.02 -6.26 31.70
CA GLN C 101 -6.89 -7.14 32.89
C GLN C 101 -6.39 -6.47 34.19
N ASN C 102 -5.39 -5.57 34.08
CA ASN C 102 -4.63 -4.95 35.23
C ASN C 102 -5.59 -4.09 36.06
N GLY C 103 -6.88 -4.24 35.74
CA GLY C 103 -7.91 -3.34 36.18
C GLY C 103 -7.83 -2.01 35.41
N HIS C 104 -6.64 -1.40 35.31
CA HIS C 104 -6.55 0.08 35.07
C HIS C 104 -6.76 0.57 33.62
N VAL C 105 -7.74 -0.06 32.95
CA VAL C 105 -8.53 0.55 31.90
C VAL C 105 -9.51 1.61 32.38
N ARG C 106 -10.26 1.41 33.49
CA ARG C 106 -11.24 2.47 33.83
C ARG C 106 -10.60 3.66 34.56
N ASP C 107 -9.30 3.62 34.76
CA ASP C 107 -8.55 4.87 34.76
C ASP C 107 -8.35 5.39 33.30
N GLU C 108 -9.22 6.33 32.89
CA GLU C 108 -9.25 6.91 31.51
C GLU C 108 -7.91 7.50 30.95
N ARG C 109 -6.96 7.73 31.82
CA ARG C 109 -5.65 8.25 31.46
C ARG C 109 -4.87 7.28 30.56
N ASN C 110 -5.15 5.99 30.68
CA ASN C 110 -4.49 4.98 29.85
C ASN C 110 -5.06 4.77 28.44
N MET C 111 -6.27 5.26 28.18
CA MET C 111 -6.90 5.11 26.85
C MET C 111 -6.06 5.48 25.60
N LEU C 112 -5.18 6.48 25.76
CA LEU C 112 -4.20 6.85 24.78
C LEU C 112 -3.29 5.69 24.38
N LYS C 113 -2.85 4.88 25.38
CA LYS C 113 -2.10 3.61 25.17
C LYS C 113 -2.92 2.56 24.45
N VAL C 114 -4.04 2.16 25.02
CA VAL C 114 -4.90 1.16 24.41
C VAL C 114 -5.15 1.52 22.96
N VAL C 115 -5.52 2.76 22.73
CA VAL C 115 -5.88 3.14 21.40
C VAL C 115 -4.67 3.13 20.49
N SER C 116 -3.53 3.65 20.94
CA SER C 116 -2.43 3.81 19.97
C SER C 116 -1.65 2.53 19.63
N ARG C 117 -1.47 1.66 20.59
CA ARG C 117 -1.07 0.31 20.26
C ARG C 117 -2.08 -0.41 19.40
N MET C 118 -3.38 -0.31 19.66
CA MET C 118 -4.32 -0.94 18.70
C MET C 118 -4.12 -0.43 17.25
N HIS C 119 -3.88 0.88 17.10
CA HIS C 119 -3.64 1.44 15.79
C HIS C 119 -2.35 0.85 15.16
N ARG C 120 -1.32 0.68 15.99
CA ARG C 120 -0.12 0.03 15.54
C ARG C 120 -0.34 -1.43 15.08
N VAL C 121 -1.12 -2.22 15.82
CA VAL C 121 -1.54 -3.50 15.24
C VAL C 121 -2.01 -3.35 13.80
N SER C 122 -2.78 -2.31 13.58
CA SER C 122 -3.43 -2.06 12.34
C SER C 122 -2.47 -1.72 11.26
N VAL C 123 -1.49 -0.87 11.53
CA VAL C 123 -0.51 -0.42 10.52
C VAL C 123 0.42 -1.62 10.18
N ILE C 124 0.79 -2.41 11.19
CA ILE C 124 1.50 -3.61 10.91
C ILE C 124 0.71 -4.48 9.97
N LEU C 125 -0.58 -4.71 10.16
CA LEU C 125 -1.26 -5.72 9.33
C LEU C 125 -1.45 -5.19 7.95
N LYS C 126 -1.35 -3.88 7.79
CA LYS C 126 -1.59 -3.21 6.52
C LYS C 126 -0.37 -3.56 5.71
N LEU C 127 0.80 -3.55 6.41
CA LEU C 127 2.05 -3.82 5.80
C LEU C 127 2.11 -5.32 5.47
N LEU C 128 1.70 -6.17 6.41
CA LEU C 128 1.49 -7.57 6.09
C LEU C 128 0.60 -7.81 4.89
N VAL C 129 -0.35 -6.92 4.58
CA VAL C 129 -1.18 -7.23 3.42
C VAL C 129 -0.43 -6.89 2.14
N GLN C 130 0.35 -5.81 2.18
CA GLN C 130 1.19 -5.36 1.09
C GLN C 130 2.32 -6.31 0.90
N GLN C 131 2.75 -6.97 1.97
CA GLN C 131 3.88 -7.90 1.86
C GLN C 131 3.63 -9.07 0.92
N PHE C 132 2.36 -9.40 0.65
CA PHE C 132 2.08 -10.57 -0.17
C PHE C 132 2.59 -10.35 -1.55
N SER C 133 2.50 -9.11 -2.04
CA SER C 133 3.06 -8.70 -3.34
C SER C 133 4.55 -9.13 -3.51
N ILE C 134 5.34 -9.29 -2.45
CA ILE C 134 6.65 -9.84 -2.70
C ILE C 134 6.59 -11.27 -3.22
N LEU C 135 5.77 -12.09 -2.57
CA LEU C 135 5.69 -13.49 -2.89
C LEU C 135 4.95 -13.72 -4.22
N GLU C 136 4.29 -12.68 -4.72
CA GLU C 136 3.65 -12.76 -6.05
C GLU C 136 4.67 -12.77 -7.19
N THR C 137 5.88 -12.30 -6.91
CA THR C 137 6.92 -12.34 -7.87
C THR C 137 7.48 -13.78 -7.99
N MET C 138 6.95 -14.75 -7.24
CA MET C 138 7.40 -16.11 -7.43
C MET C 138 6.34 -16.79 -8.30
N THR C 139 6.76 -17.46 -9.37
CA THR C 139 5.85 -18.11 -10.24
C THR C 139 5.42 -19.51 -9.76
N ALA C 140 4.30 -19.95 -10.30
CA ALA C 140 3.79 -21.25 -10.05
C ALA C 140 4.77 -22.33 -10.47
N LEU C 141 5.46 -22.13 -11.60
CA LEU C 141 6.46 -23.12 -12.11
C LEU C 141 7.57 -23.18 -11.16
N ASP C 142 8.04 -22.04 -10.68
CA ASP C 142 9.20 -22.18 -9.80
C ASP C 142 8.84 -22.72 -8.42
N PHE C 143 7.59 -22.48 -7.96
CA PHE C 143 7.19 -22.94 -6.61
C PHE C 143 7.20 -24.46 -6.67
N ASN C 144 6.73 -24.98 -7.80
CA ASN C 144 6.67 -26.41 -8.04
C ASN C 144 8.01 -27.11 -8.19
N ASP C 145 9.12 -26.38 -8.25
CA ASP C 145 10.42 -27.09 -8.25
C ASP C 145 10.94 -27.36 -6.83
N PHE C 146 10.42 -26.60 -5.82
CA PHE C 146 10.67 -26.88 -4.38
C PHE C 146 9.53 -27.42 -3.52
N ARG C 147 8.30 -27.27 -3.97
CA ARG C 147 7.14 -27.66 -3.18
C ARG C 147 7.24 -29.06 -2.56
N GLU C 148 7.77 -30.03 -3.31
CA GLU C 148 7.83 -31.43 -2.85
C GLU C 148 8.64 -31.55 -1.56
N TYR C 149 9.70 -30.74 -1.40
CA TYR C 149 10.59 -30.82 -0.23
C TYR C 149 9.97 -30.27 1.04
N LEU C 150 8.69 -29.91 0.98
CA LEU C 150 8.00 -29.16 2.03
C LEU C 150 7.18 -30.05 2.95
N SER C 151 6.45 -31.02 2.38
CA SER C 151 5.63 -32.00 3.15
C SER C 151 6.49 -32.69 4.20
N PRO C 152 6.02 -32.77 5.47
CA PRO C 152 4.59 -32.63 5.86
C PRO C 152 4.10 -31.24 6.29
N ALA C 153 5.04 -30.27 6.41
CA ALA C 153 4.80 -28.90 6.89
C ALA C 153 3.61 -28.22 6.21
N SER C 154 2.87 -27.44 7.00
CA SER C 154 1.53 -27.04 6.60
C SER C 154 1.00 -25.67 6.99
N GLY C 155 1.73 -24.85 7.75
CA GLY C 155 1.20 -23.49 8.03
C GLY C 155 0.04 -23.42 9.07
N PHE C 156 -0.77 -24.48 9.13
CA PHE C 156 -1.56 -24.76 10.29
C PHE C 156 -0.71 -24.84 11.55
N GLN C 157 0.59 -25.11 11.38
CA GLN C 157 1.56 -25.33 12.49
C GLN C 157 2.32 -24.05 12.89
N SER C 158 1.82 -22.93 12.36
CA SER C 158 2.21 -21.64 12.86
C SER C 158 1.56 -21.52 14.21
N LEU C 159 2.36 -21.70 15.26
CA LEU C 159 1.89 -21.42 16.62
C LEU C 159 1.33 -19.96 16.71
N GLN C 160 2.20 -18.98 16.43
CA GLN C 160 1.86 -17.57 16.53
C GLN C 160 0.56 -17.17 15.83
N PHE C 161 0.27 -17.73 14.65
CA PHE C 161 -0.98 -17.37 13.96
C PHE C 161 -2.17 -17.94 14.69
N ARG C 162 -2.01 -19.09 15.33
CA ARG C 162 -3.15 -19.68 16.04
C ARG C 162 -3.39 -18.91 17.33
N LEU C 163 -2.29 -18.59 18.05
CA LEU C 163 -2.28 -17.68 19.18
C LEU C 163 -2.91 -16.34 18.84
N LEU C 164 -2.65 -15.83 17.64
CA LEU C 164 -3.13 -14.51 17.24
C LEU C 164 -4.65 -14.44 17.13
N GLU C 165 -5.21 -15.37 16.37
CA GLU C 165 -6.66 -15.58 16.28
C GLU C 165 -7.33 -15.73 17.69
N ASN C 166 -6.71 -16.52 18.57
CA ASN C 166 -7.28 -16.86 19.89
C ASN C 166 -7.39 -15.73 20.91
N LYS C 167 -6.40 -14.85 20.89
CA LYS C 167 -6.27 -13.77 21.84
C LYS C 167 -7.20 -12.65 21.39
N ILE C 168 -7.36 -12.54 20.07
CA ILE C 168 -8.38 -11.65 19.53
C ILE C 168 -9.78 -12.18 19.93
N GLY C 169 -9.97 -13.51 19.92
CA GLY C 169 -11.26 -14.05 20.23
C GLY C 169 -12.07 -14.76 19.15
N VAL C 170 -11.41 -15.32 18.12
CA VAL C 170 -12.11 -16.27 17.25
C VAL C 170 -12.39 -17.50 18.15
N LEU C 171 -13.54 -18.16 18.01
CA LEU C 171 -13.80 -19.34 18.86
C LEU C 171 -13.63 -20.71 18.16
N GLN C 172 -13.38 -21.80 18.93
CA GLN C 172 -13.18 -23.19 18.37
C GLN C 172 -14.41 -23.82 17.74
N ASN C 173 -15.56 -23.64 18.42
CA ASN C 173 -16.88 -24.03 17.88
C ASN C 173 -17.31 -23.17 16.66
N MET C 174 -16.67 -22.00 16.50
CA MET C 174 -16.87 -21.10 15.34
C MET C 174 -16.11 -21.52 14.05
N ARG C 175 -15.12 -22.40 14.21
CA ARG C 175 -14.17 -22.74 13.15
C ARG C 175 -14.82 -23.65 12.14
N VAL C 176 -14.48 -23.48 10.86
CA VAL C 176 -14.86 -24.49 9.84
C VAL C 176 -13.80 -25.67 9.74
N PRO C 177 -14.23 -26.97 9.87
CA PRO C 177 -13.18 -28.01 9.99
C PRO C 177 -12.47 -28.17 8.64
N TYR C 178 -11.18 -28.55 8.66
CA TYR C 178 -10.46 -28.61 7.38
C TYR C 178 -10.91 -29.78 6.49
N ASN C 179 -10.81 -31.01 6.98
CA ASN C 179 -11.33 -32.16 6.20
C ASN C 179 -10.98 -33.47 6.91
N ARG C 180 -11.54 -33.72 8.10
CA ARG C 180 -12.43 -32.83 8.88
C ARG C 180 -11.94 -32.95 10.33
N ARG C 181 -10.68 -32.54 10.56
CA ARG C 181 -9.90 -32.89 11.78
C ARG C 181 -9.76 -34.41 11.97
N LYS C 188 3.69 -29.85 20.36
CA LYS C 188 2.48 -29.76 21.17
C LYS C 188 2.34 -30.87 22.25
N GLY C 189 3.19 -30.93 23.29
CA GLY C 189 4.34 -30.02 23.57
C GLY C 189 3.98 -28.82 24.43
N GLU C 190 4.99 -28.16 25.01
CA GLU C 190 4.77 -26.90 25.74
C GLU C 190 4.24 -25.75 24.82
N GLU C 191 4.32 -25.95 23.50
CA GLU C 191 3.62 -25.15 22.50
C GLU C 191 2.09 -25.36 22.60
N ASN C 192 1.66 -26.60 22.88
CA ASN C 192 0.27 -26.87 23.30
C ASN C 192 -0.11 -26.18 24.62
N GLU C 193 0.86 -26.03 25.53
CA GLU C 193 0.66 -25.36 26.83
C GLU C 193 0.57 -23.82 26.71
N LEU C 194 1.42 -23.22 25.85
CA LEU C 194 1.27 -21.81 25.41
C LEU C 194 -0.05 -21.59 24.68
N LEU C 195 -0.34 -22.47 23.71
CA LEU C 195 -1.61 -22.39 23.01
C LEU C 195 -2.76 -22.72 23.93
N LEU C 196 -2.56 -23.70 24.80
CA LEU C 196 -3.64 -24.21 25.68
C LEU C 196 -4.24 -23.12 26.58
N LYS C 197 -3.38 -22.25 27.09
CA LYS C 197 -3.81 -21.09 27.88
C LYS C 197 -4.64 -20.16 27.01
N SER C 198 -4.06 -19.72 25.90
CA SER C 198 -4.66 -18.83 24.90
C SER C 198 -6.17 -18.96 24.55
N GLU C 199 -6.76 -20.14 24.70
CA GLU C 199 -8.20 -20.28 24.40
C GLU C 199 -9.01 -20.15 25.65
N GLN C 200 -8.44 -20.60 26.78
CA GLN C 200 -9.12 -20.55 28.08
C GLN C 200 -9.04 -19.17 28.75
N GLU C 201 -7.90 -18.45 28.58
CA GLU C 201 -7.79 -17.07 29.13
C GLU C 201 -8.79 -16.11 28.47
N LYS C 202 -8.76 -14.85 28.94
CA LYS C 202 -9.73 -13.87 28.51
C LYS C 202 -9.35 -13.37 27.13
N THR C 203 -10.26 -13.48 26.17
CA THR C 203 -10.03 -12.92 24.81
C THR C 203 -10.19 -11.41 24.77
N LEU C 204 -9.36 -10.70 24.03
CA LEU C 204 -9.66 -9.28 23.76
C LEU C 204 -11.16 -8.94 23.61
N LEU C 205 -11.95 -9.80 22.94
CA LEU C 205 -13.39 -9.51 22.83
C LEU C 205 -14.04 -9.49 24.24
N GLU C 206 -13.92 -10.60 24.95
CA GLU C 206 -14.34 -10.72 26.35
C GLU C 206 -13.91 -9.48 27.19
N LEU C 207 -12.61 -9.14 27.17
CA LEU C 207 -12.11 -7.95 27.90
C LEU C 207 -12.64 -6.58 27.48
N VAL C 208 -12.87 -6.38 26.17
CA VAL C 208 -13.56 -5.15 25.66
C VAL C 208 -15.05 -5.11 26.02
N GLU C 209 -15.65 -6.30 26.12
CA GLU C 209 -17.02 -6.42 26.50
C GLU C 209 -17.22 -6.10 28.00
N ALA C 210 -16.19 -6.32 28.80
CA ALA C 210 -16.24 -6.10 30.24
C ALA C 210 -16.00 -4.61 30.47
N TRP C 211 -15.61 -3.91 29.39
CA TRP C 211 -15.47 -2.47 29.47
C TRP C 211 -16.74 -1.79 28.95
N LEU C 212 -17.32 -2.37 27.90
CA LEU C 212 -18.58 -1.86 27.36
C LEU C 212 -19.76 -2.03 28.35
N GLU C 213 -19.68 -3.01 29.24
CA GLU C 213 -20.83 -3.25 30.13
C GLU C 213 -20.99 -2.02 31.06
N ARG C 214 -19.83 -1.50 31.50
CA ARG C 214 -19.67 -0.36 32.43
C ARG C 214 -19.69 1.02 31.74
N THR C 215 -20.33 1.13 30.56
CA THR C 215 -20.36 2.39 29.80
C THR C 215 -21.36 3.33 30.45
N PRO C 216 -20.98 4.62 30.67
CA PRO C 216 -21.85 5.61 31.36
C PRO C 216 -23.01 6.09 30.48
N GLY C 217 -24.22 6.23 31.06
CA GLY C 217 -25.41 6.63 30.31
C GLY C 217 -26.44 5.51 30.31
N LEU C 218 -26.02 4.28 30.77
CA LEU C 218 -26.92 3.09 30.81
C LEU C 218 -27.65 2.84 32.19
N GLU C 219 -27.25 3.55 33.26
CA GLU C 219 -27.98 3.44 34.51
C GLU C 219 -29.43 3.93 34.21
N PRO C 220 -30.44 3.02 34.43
CA PRO C 220 -31.90 3.27 34.31
C PRO C 220 -32.43 4.49 35.07
N HIS C 221 -31.74 4.91 36.13
CA HIS C 221 -32.09 6.19 36.70
C HIS C 221 -31.20 7.38 36.37
N GLY C 222 -30.18 7.15 35.55
CA GLY C 222 -29.29 8.24 35.14
C GLY C 222 -29.82 8.86 33.87
N PHE C 223 -28.98 8.80 32.84
CA PHE C 223 -29.33 9.23 31.49
C PHE C 223 -30.32 8.28 30.80
N ASN C 224 -30.32 7.00 31.19
CA ASN C 224 -31.25 5.96 30.63
C ASN C 224 -31.26 5.92 29.08
N PHE C 225 -30.06 5.90 28.48
CA PHE C 225 -29.94 5.87 27.04
C PHE C 225 -30.87 4.78 26.41
N TRP C 226 -30.74 3.55 26.91
CA TRP C 226 -31.58 2.45 26.40
C TRP C 226 -33.05 2.78 26.40
N GLY C 227 -33.54 3.12 27.58
CA GLY C 227 -34.94 3.47 27.74
C GLY C 227 -35.43 4.56 26.72
N LYS C 228 -34.72 5.70 26.79
CA LYS C 228 -35.00 6.92 26.06
C LYS C 228 -34.96 6.61 24.50
N LEU C 229 -34.09 5.68 24.11
CA LEU C 229 -33.90 5.30 22.72
C LEU C 229 -35.13 4.60 22.11
N GLU C 230 -35.54 3.49 22.75
CA GLU C 230 -36.71 2.75 22.33
C GLU C 230 -37.96 3.61 22.32
N LYS C 231 -38.10 4.49 23.33
CA LYS C 231 -39.26 5.41 23.43
C LYS C 231 -39.18 6.38 22.22
N ASN C 232 -38.04 7.01 21.96
CA ASN C 232 -37.98 7.95 20.83
C ASN C 232 -38.23 7.32 19.37
N ILE C 233 -37.70 6.17 19.17
CA ILE C 233 -37.88 5.42 17.89
C ILE C 233 -39.39 5.25 17.58
N THR C 234 -40.15 4.63 18.52
CA THR C 234 -41.63 4.56 18.49
C THR C 234 -42.29 5.75 17.99
N ARG C 235 -41.98 6.91 18.60
CA ARG C 235 -42.57 8.12 18.23
C ARG C 235 -42.05 8.56 16.80
N GLY C 236 -40.82 8.35 16.41
CA GLY C 236 -40.29 8.71 15.02
C GLY C 236 -40.99 7.82 14.00
N LEU C 237 -41.13 6.57 14.36
CA LEU C 237 -41.86 5.63 13.57
C LEU C 237 -43.39 5.83 13.38
N GLU C 238 -44.10 5.98 14.49
CA GLU C 238 -45.44 6.54 14.47
C GLU C 238 -45.53 7.89 13.71
N GLU C 239 -44.59 8.82 13.93
CA GLU C 239 -44.69 10.08 13.17
C GLU C 239 -44.52 9.87 11.70
N GLU C 240 -43.54 9.03 11.36
CA GLU C 240 -43.28 8.65 9.97
C GLU C 240 -44.44 7.89 9.32
N PHE C 241 -45.00 6.95 10.06
CA PHE C 241 -46.18 6.17 9.61
C PHE C 241 -47.38 7.13 9.14
N ILE C 242 -47.68 8.15 9.99
CA ILE C 242 -48.71 9.24 9.68
C ILE C 242 -48.20 10.10 8.43
N ARG C 243 -46.85 10.30 8.29
CA ARG C 243 -46.24 10.98 7.09
C ARG C 243 -46.61 10.30 5.71
N ILE C 244 -46.15 9.00 5.62
CA ILE C 244 -46.48 8.12 4.45
C ILE C 244 -48.02 7.97 4.15
N GLN C 245 -48.81 7.58 5.16
CA GLN C 245 -50.28 7.61 5.05
C GLN C 245 -50.78 8.99 4.35
N ALA C 246 -49.88 9.96 4.19
CA ALA C 246 -50.45 11.50 3.49
C ALA C 246 -50.14 11.45 2.31
N LYS C 253 -49.25 3.72 -5.29
CA LYS C 253 -47.85 3.32 -5.20
C LYS C 253 -46.85 4.43 -5.64
N GLU C 254 -45.71 4.72 -4.94
CA GLU C 254 -45.15 4.07 -3.70
C GLU C 254 -46.13 3.84 -2.50
N GLU C 255 -46.23 2.62 -1.93
CA GLU C 255 -45.24 1.47 -2.01
C GLU C 255 -43.96 1.70 -1.18
N GLN C 256 -43.95 2.79 -0.38
CA GLN C 256 -42.99 2.93 0.74
C GLN C 256 -43.61 2.36 2.06
N VAL C 257 -44.89 1.93 2.01
CA VAL C 257 -45.55 1.13 3.09
C VAL C 257 -44.72 -0.15 3.34
N ALA C 258 -44.29 -0.80 2.23
CA ALA C 258 -43.36 -1.93 2.29
C ALA C 258 -42.04 -1.49 2.92
N GLU C 259 -41.47 -0.39 2.42
CA GLU C 259 -40.18 0.14 2.92
C GLU C 259 -40.23 0.54 4.43
N PHE C 260 -41.36 1.14 4.84
CA PHE C 260 -41.59 1.49 6.24
C PHE C 260 -41.57 0.27 7.17
N GLN C 261 -42.38 -0.74 6.82
CA GLN C 261 -42.52 -1.99 7.61
C GLN C 261 -41.17 -2.73 7.80
N LYS C 262 -40.31 -2.70 6.78
CA LYS C 262 -39.02 -3.32 6.90
C LYS C 262 -38.10 -2.50 7.83
N GLN C 263 -38.23 -1.17 7.76
CA GLN C 263 -37.48 -0.28 8.66
C GLN C 263 -37.91 -0.60 10.11
N LYS C 264 -39.26 -0.72 10.33
CA LYS C 264 -39.84 -0.84 11.67
C LYS C 264 -39.45 -2.13 12.34
N GLU C 265 -39.44 -3.25 11.59
CA GLU C 265 -39.09 -4.56 12.18
C GLU C 265 -37.62 -4.57 12.58
N VAL C 266 -36.77 -4.04 11.68
CA VAL C 266 -35.31 -4.07 11.89
C VAL C 266 -35.02 -3.26 13.15
N LEU C 267 -35.51 -2.01 13.19
CA LEU C 267 -35.22 -1.11 14.31
C LEU C 267 -35.63 -1.69 15.66
N LEU C 268 -36.91 -2.12 15.80
CA LEU C 268 -37.45 -2.57 17.11
C LEU C 268 -36.87 -3.89 17.58
N SER C 269 -36.31 -4.69 16.68
CA SER C 269 -35.75 -5.98 17.08
C SER C 269 -34.45 -5.78 17.86
N LEU C 270 -33.99 -4.54 17.92
CA LEU C 270 -32.81 -4.16 18.69
C LEU C 270 -33.13 -4.32 20.18
N PHE C 271 -34.38 -4.05 20.53
CA PHE C 271 -34.82 -4.01 21.92
C PHE C 271 -35.31 -5.38 22.41
N ASP C 272 -35.36 -6.34 21.45
CA ASP C 272 -35.65 -7.75 21.70
C ASP C 272 -34.44 -8.40 22.38
N GLU C 273 -34.41 -8.42 23.75
CA GLU C 273 -33.31 -9.10 24.50
C GLU C 273 -33.32 -10.61 24.22
N LYS C 274 -34.53 -11.21 24.18
CA LYS C 274 -34.71 -12.63 23.82
C LYS C 274 -33.99 -12.92 22.52
N ARG C 275 -34.37 -12.22 21.44
CA ARG C 275 -33.91 -12.54 20.08
C ARG C 275 -32.43 -12.35 19.95
N HIS C 276 -31.89 -11.41 20.74
CA HIS C 276 -30.44 -11.28 20.86
C HIS C 276 -29.79 -12.57 21.38
N GLU C 277 -30.24 -13.09 22.52
CA GLU C 277 -29.61 -14.29 23.13
C GLU C 277 -29.82 -15.59 22.28
N HIS C 278 -30.83 -15.58 21.42
CA HIS C 278 -31.10 -16.65 20.44
C HIS C 278 -29.90 -16.69 19.49
N LEU C 279 -29.59 -15.53 18.91
CA LEU C 279 -28.48 -15.41 17.98
C LEU C 279 -27.12 -15.51 18.69
N LEU C 280 -27.10 -15.25 20.00
CA LEU C 280 -25.85 -15.27 20.76
C LEU C 280 -25.46 -16.72 20.97
N SER C 281 -26.37 -17.48 21.57
CA SER C 281 -26.20 -18.91 21.82
C SER C 281 -26.00 -19.73 20.55
N LYS C 282 -26.45 -19.21 19.40
CA LYS C 282 -26.23 -19.89 18.13
C LYS C 282 -24.79 -19.64 17.67
N GLY C 283 -24.42 -18.38 17.45
CA GLY C 283 -23.07 -18.04 17.01
C GLY C 283 -22.94 -16.72 16.26
N GLU C 284 -24.05 -16.26 15.64
CA GLU C 284 -24.15 -14.94 14.94
C GLU C 284 -23.58 -13.75 15.72
N ARG C 285 -24.11 -13.52 16.92
CA ARG C 285 -23.67 -12.38 17.72
C ARG C 285 -22.69 -12.84 18.79
N ARG C 286 -21.80 -11.93 19.20
CA ARG C 286 -20.70 -12.24 20.12
C ARG C 286 -20.64 -11.47 21.45
N LEU C 287 -21.32 -10.32 21.52
CA LEU C 287 -21.36 -9.51 22.73
C LEU C 287 -22.67 -9.64 23.47
N SER C 288 -22.59 -9.51 24.81
CA SER C 288 -23.73 -9.44 25.71
C SER C 288 -24.59 -8.25 25.35
N TYR C 289 -25.88 -8.47 25.37
CA TYR C 289 -26.86 -7.39 25.32
C TYR C 289 -26.47 -6.04 25.98
N ARG C 290 -25.96 -6.05 27.23
CA ARG C 290 -25.44 -4.81 27.85
C ARG C 290 -24.14 -4.22 27.20
N ALA C 291 -23.28 -5.08 26.65
CA ALA C 291 -22.11 -4.57 25.93
C ALA C 291 -22.54 -3.94 24.60
N LEU C 292 -23.51 -4.58 23.96
CA LEU C 292 -24.10 -4.09 22.72
C LEU C 292 -24.69 -2.70 22.93
N GLN C 293 -25.21 -2.50 24.15
CA GLN C 293 -25.92 -1.29 24.56
C GLN C 293 -25.00 -0.07 24.76
N GLY C 294 -23.87 -0.29 25.45
CA GLY C 294 -22.83 0.73 25.65
C GLY C 294 -22.06 1.09 24.38
N ALA C 295 -21.92 0.12 23.49
CA ALA C 295 -21.21 0.37 22.25
C ALA C 295 -22.01 1.39 21.40
N LEU C 296 -23.35 1.28 21.49
CA LEU C 296 -24.25 2.20 20.80
C LEU C 296 -24.22 3.57 21.44
N MET C 297 -24.07 3.54 22.76
CA MET C 297 -23.92 4.78 23.47
C MET C 297 -22.76 5.54 22.76
N ILE C 298 -21.57 4.93 22.79
CA ILE C 298 -20.35 5.46 22.20
C ILE C 298 -20.53 5.91 20.72
N TYR C 299 -21.14 5.06 19.90
CA TYR C 299 -21.47 5.39 18.51
C TYR C 299 -22.25 6.70 18.38
N PHE C 300 -23.35 6.82 19.15
CA PHE C 300 -24.28 7.92 19.03
C PHE C 300 -23.76 9.18 19.67
N TYR C 301 -22.99 9.09 20.78
CA TYR C 301 -22.49 10.28 21.49
C TYR C 301 -21.01 10.54 21.36
N ARG C 302 -20.45 10.06 20.26
CA ARG C 302 -19.03 9.92 20.11
C ARG C 302 -18.24 11.23 20.14
N GLU C 303 -18.91 12.34 19.86
CA GLU C 303 -18.40 13.71 19.97
C GLU C 303 -18.20 14.16 21.40
N GLU C 304 -19.03 13.64 22.33
CA GLU C 304 -18.79 13.77 23.81
C GLU C 304 -17.33 13.45 24.23
N PRO C 305 -16.65 14.46 24.82
CA PRO C 305 -15.25 14.28 25.13
C PRO C 305 -14.95 12.89 25.69
N ARG C 306 -15.69 12.42 26.69
CA ARG C 306 -15.32 11.17 27.36
C ARG C 306 -15.50 9.92 26.51
N PHE C 307 -16.11 10.11 25.31
CA PHE C 307 -16.35 9.04 24.34
C PHE C 307 -15.46 9.11 23.06
N GLN C 308 -14.80 10.24 22.82
CA GLN C 308 -13.96 10.41 21.68
C GLN C 308 -12.94 9.26 21.47
N VAL C 309 -12.02 9.11 22.42
CA VAL C 309 -10.99 8.08 22.27
C VAL C 309 -11.64 6.69 22.29
N PRO C 310 -12.70 6.46 23.12
CA PRO C 310 -13.37 5.10 23.08
C PRO C 310 -13.98 4.75 21.75
N PHE C 311 -14.53 5.75 21.06
CA PHE C 311 -15.04 5.53 19.73
C PHE C 311 -13.87 5.14 18.81
N GLN C 312 -12.72 5.83 18.92
CA GLN C 312 -11.47 5.46 18.26
C GLN C 312 -11.04 4.00 18.52
N LEU C 313 -11.09 3.59 19.79
CA LEU C 313 -10.96 2.17 20.12
C LEU C 313 -11.82 1.31 19.22
N LEU C 314 -13.14 1.55 19.23
CA LEU C 314 -14.09 0.77 18.46
C LEU C 314 -13.83 0.79 16.97
N THR C 315 -13.27 1.90 16.48
CA THR C 315 -12.91 1.94 15.11
C THR C 315 -11.71 0.97 14.76
N SER C 316 -10.67 0.93 15.62
CA SER C 316 -9.53 0.06 15.50
C SER C 316 -9.91 -1.38 15.46
N LEU C 317 -10.79 -1.78 16.37
CA LEU C 317 -11.16 -3.17 16.52
C LEU C 317 -11.85 -3.69 15.26
N MET C 318 -12.64 -2.80 14.66
CA MET C 318 -13.17 -3.09 13.37
C MET C 318 -12.02 -3.17 12.30
N ASP C 319 -10.95 -2.36 12.43
CA ASP C 319 -9.89 -2.34 11.43
C ASP C 319 -9.09 -3.60 11.45
N ILE C 320 -8.82 -4.10 12.65
CA ILE C 320 -8.20 -5.36 12.86
C ILE C 320 -8.98 -6.45 12.13
N ASP C 321 -10.27 -6.60 12.39
CA ASP C 321 -10.97 -7.66 11.73
C ASP C 321 -11.07 -7.52 10.24
N SER C 322 -11.25 -6.30 9.76
CA SER C 322 -11.13 -6.04 8.35
C SER C 322 -9.79 -6.48 7.76
N LEU C 323 -8.69 -6.11 8.45
CA LEU C 323 -7.32 -6.32 8.01
C LEU C 323 -6.95 -7.77 8.07
N MET C 324 -7.28 -8.47 9.16
CA MET C 324 -7.18 -9.93 9.17
C MET C 324 -7.91 -10.56 7.96
N THR C 325 -9.14 -10.15 7.66
CA THR C 325 -9.90 -10.83 6.58
C THR C 325 -9.16 -10.60 5.28
N LYS C 326 -8.70 -9.36 5.12
CA LYS C 326 -7.92 -8.99 3.97
C LYS C 326 -6.62 -9.89 3.86
N TRP C 327 -5.96 -10.12 4.99
CA TRP C 327 -4.89 -11.03 5.04
C TRP C 327 -5.32 -12.44 4.58
N ARG C 328 -6.47 -12.90 5.02
CA ARG C 328 -6.91 -14.25 4.73
C ARG C 328 -7.19 -14.40 3.25
N TYR C 329 -7.62 -13.30 2.68
CA TYR C 329 -8.08 -13.25 1.35
C TYR C 329 -6.87 -13.17 0.38
N ASN C 330 -5.82 -12.48 0.79
CA ASN C 330 -4.61 -12.50 0.02
C ASN C 330 -3.89 -13.84 0.16
N HIS C 331 -3.79 -14.39 1.37
CA HIS C 331 -3.24 -15.71 1.49
C HIS C 331 -3.96 -16.69 0.55
N VAL C 332 -5.28 -16.61 0.41
CA VAL C 332 -5.94 -17.55 -0.53
C VAL C 332 -5.83 -17.18 -2.02
N CYS C 333 -5.68 -15.92 -2.35
CA CYS C 333 -5.40 -15.56 -3.74
C CYS C 333 -4.07 -16.19 -4.15
N MET C 334 -3.17 -16.31 -3.18
CA MET C 334 -1.82 -16.82 -3.31
C MET C 334 -1.80 -18.36 -3.46
N VAL C 335 -2.67 -19.04 -2.71
CA VAL C 335 -2.91 -20.44 -2.90
C VAL C 335 -3.44 -20.77 -4.32
N HIS C 336 -4.32 -19.93 -4.86
CA HIS C 336 -4.92 -20.20 -6.14
C HIS C 336 -3.87 -20.08 -7.24
N ARG C 337 -2.86 -19.20 -7.09
CA ARG C 337 -2.07 -18.99 -8.26
C ARG C 337 -0.93 -20.01 -8.25
N MET C 338 -0.56 -20.44 -7.04
CA MET C 338 0.40 -21.49 -6.93
C MET C 338 -0.14 -22.89 -7.12
N LEU C 339 -1.41 -23.13 -6.83
CA LEU C 339 -1.95 -24.52 -6.78
C LEU C 339 -3.14 -24.83 -7.71
N GLY C 340 -3.82 -23.81 -8.21
CA GLY C 340 -4.94 -23.99 -9.14
C GLY C 340 -6.27 -24.38 -8.50
N SER C 341 -7.26 -24.70 -9.35
CA SER C 341 -8.69 -24.76 -8.96
C SER C 341 -9.59 -25.39 -10.03
N SER C 349 -9.53 -30.30 -1.02
CA SER C 349 -8.68 -29.18 -1.46
C SER C 349 -8.64 -28.08 -0.37
N GLY C 350 -7.42 -27.60 -0.09
CA GLY C 350 -7.09 -26.66 0.99
C GLY C 350 -7.67 -25.32 0.67
N TYR C 351 -7.64 -25.03 -0.64
CA TYR C 351 -8.25 -23.86 -1.28
C TYR C 351 -9.74 -23.64 -0.95
N HIS C 352 -10.54 -24.73 -0.86
CA HIS C 352 -11.98 -24.71 -0.38
C HIS C 352 -12.15 -24.16 1.06
N TYR C 353 -11.46 -24.81 2.03
CA TYR C 353 -11.47 -24.42 3.45
C TYR C 353 -11.02 -22.94 3.67
N LEU C 354 -9.96 -22.53 2.95
CA LEU C 354 -9.51 -21.17 3.08
C LEU C 354 -10.59 -20.14 2.64
N ARG C 355 -11.14 -20.26 1.42
CA ARG C 355 -12.34 -19.49 1.01
C ARG C 355 -13.43 -19.52 2.12
N SER C 356 -13.45 -20.58 2.92
CA SER C 356 -14.36 -20.58 4.05
C SER C 356 -14.00 -19.61 5.20
N THR C 357 -12.71 -19.29 5.40
CA THR C 357 -12.32 -18.44 6.54
C THR C 357 -12.50 -16.98 6.26
N VAL C 358 -12.94 -16.66 5.05
CA VAL C 358 -13.01 -15.28 4.62
C VAL C 358 -14.47 -14.86 4.74
N SER C 359 -15.25 -15.71 5.40
CA SER C 359 -16.62 -15.41 5.78
C SER C 359 -16.64 -14.57 7.11
N ASP C 360 -17.80 -14.01 7.44
CA ASP C 360 -17.97 -13.23 8.68
C ASP C 360 -17.97 -14.08 9.94
N ARG C 361 -18.25 -15.38 9.83
CA ARG C 361 -17.93 -16.34 10.90
C ARG C 361 -16.58 -16.08 11.62
N TYR C 362 -15.58 -15.53 10.91
CA TYR C 362 -14.22 -15.26 11.48
C TYR C 362 -14.00 -13.81 11.99
N LYS C 363 -15.02 -12.95 11.85
CA LYS C 363 -14.96 -11.56 12.31
C LYS C 363 -15.33 -11.49 13.78
N VAL C 364 -14.33 -11.29 14.64
CA VAL C 364 -14.50 -11.30 16.12
C VAL C 364 -15.34 -10.14 16.62
N PHE C 365 -15.41 -9.08 15.85
CA PHE C 365 -16.19 -7.91 16.24
C PHE C 365 -17.27 -7.69 15.23
N VAL C 366 -17.96 -8.77 14.85
CA VAL C 366 -19.01 -8.65 13.86
C VAL C 366 -20.11 -7.74 14.45
N ASP C 367 -20.32 -7.84 15.76
CA ASP C 367 -21.28 -7.03 16.45
C ASP C 367 -21.23 -5.49 16.16
N LEU C 368 -20.04 -4.89 16.22
CA LEU C 368 -19.86 -3.47 15.93
C LEU C 368 -20.20 -3.09 14.46
N PHE C 369 -19.85 -3.97 13.53
CA PHE C 369 -20.18 -3.73 12.14
C PHE C 369 -21.69 -3.72 12.03
N ASN C 370 -22.35 -4.59 12.78
CA ASN C 370 -23.78 -4.72 12.60
C ASN C 370 -24.57 -3.49 13.02
N LEU C 371 -24.02 -2.74 14.00
CA LEU C 371 -24.51 -1.41 14.36
C LEU C 371 -25.06 -0.53 13.21
N SER C 372 -24.29 -0.42 12.10
CA SER C 372 -24.78 0.30 10.90
C SER C 372 -26.27 0.06 10.41
N THR C 373 -26.82 -1.15 10.61
CA THR C 373 -28.28 -1.43 10.27
C THR C 373 -29.27 -0.64 11.17
N TYR C 374 -28.82 -0.43 12.42
CA TYR C 374 -29.53 0.29 13.48
C TYR C 374 -29.07 1.78 13.60
N LEU C 375 -28.44 2.33 12.55
CA LEU C 375 -28.45 3.77 12.30
C LEU C 375 -29.91 4.36 12.15
N ILE C 376 -30.22 5.40 12.93
CA ILE C 376 -31.54 6.11 12.87
C ILE C 376 -31.34 7.55 12.39
N PRO C 377 -32.43 8.29 12.01
CA PRO C 377 -32.16 9.72 11.72
C PRO C 377 -31.54 10.47 12.95
N ARG C 378 -30.52 11.30 12.72
CA ARG C 378 -29.98 12.16 13.78
C ARG C 378 -30.97 12.77 14.72
N HIS C 379 -32.02 13.42 14.21
CA HIS C 379 -32.96 14.14 15.10
C HIS C 379 -33.83 13.22 16.02
N TRP C 380 -33.43 11.93 16.17
CA TRP C 380 -34.18 10.87 16.91
C TRP C 380 -33.33 10.31 18.06
N ILE C 381 -31.98 10.60 18.01
CA ILE C 381 -31.03 10.28 19.12
C ILE C 381 -31.41 11.16 20.31
N PRO C 382 -31.58 10.53 21.49
CA PRO C 382 -32.04 11.30 22.67
C PRO C 382 -31.11 12.46 22.93
N LYS C 383 -31.54 13.66 22.57
CA LYS C 383 -30.93 14.92 22.99
C LYS C 383 -30.43 14.81 24.44
N MET C 384 -29.21 15.26 24.70
CA MET C 384 -28.68 15.14 26.04
C MET C 384 -28.27 16.44 26.71
N ASN C 385 -29.07 16.84 27.72
CA ASN C 385 -28.87 18.03 28.60
C ASN C 385 -27.44 18.18 29.24
N LEU D 43 11.51 -30.29 8.77
CA LEU D 43 10.27 -31.02 8.31
C LEU D 43 8.92 -30.54 8.96
N ILE D 44 8.95 -30.07 10.22
CA ILE D 44 7.77 -29.36 10.82
C ILE D 44 7.94 -27.81 10.61
N TYR D 45 6.82 -27.08 10.51
CA TYR D 45 6.75 -25.65 10.13
C TYR D 45 7.82 -24.78 10.77
N GLY D 46 7.79 -24.79 12.10
CA GLY D 46 8.72 -24.06 12.98
C GLY D 46 10.16 -24.52 12.87
N ASN D 47 10.35 -25.82 12.71
CA ASN D 47 11.68 -26.35 12.37
C ASN D 47 12.14 -25.87 10.97
N TYR D 48 11.30 -26.09 9.96
CA TYR D 48 11.66 -25.65 8.63
C TYR D 48 12.03 -24.17 8.59
N LEU D 49 11.34 -23.37 9.42
CA LEU D 49 11.57 -21.94 9.34
C LEU D 49 12.64 -21.52 10.29
N HIS D 50 13.04 -22.46 11.16
CA HIS D 50 14.08 -22.24 12.21
C HIS D 50 13.65 -21.11 13.15
N LEU D 51 12.42 -21.27 13.63
CA LEU D 51 11.77 -20.28 14.46
C LEU D 51 12.37 -20.27 15.87
N GLU D 52 12.83 -21.42 16.35
CA GLU D 52 13.52 -21.50 17.64
C GLU D 52 14.72 -20.54 17.61
N LYS D 53 15.22 -20.23 16.42
CA LYS D 53 16.29 -19.25 16.31
C LYS D 53 15.74 -17.87 16.00
N VAL D 54 14.83 -17.77 14.99
CA VAL D 54 14.19 -16.50 14.55
C VAL D 54 13.39 -15.77 15.67
N LEU D 55 12.44 -16.51 16.29
CA LEU D 55 11.59 -16.01 17.37
C LEU D 55 12.19 -16.17 18.74
N ASN D 56 13.53 -16.31 18.84
CA ASN D 56 14.26 -16.17 20.13
C ASN D 56 15.46 -15.24 20.11
N ALA D 57 15.42 -14.26 19.18
CA ALA D 57 16.40 -13.16 19.06
C ALA D 57 15.95 -11.82 19.74
N GLN D 58 14.76 -11.84 20.34
CA GLN D 58 14.19 -10.62 20.89
C GLN D 58 14.67 -10.38 22.32
N GLU D 59 15.85 -9.77 22.49
CA GLU D 59 16.36 -9.38 23.84
C GLU D 59 16.64 -7.89 23.97
N LEU D 60 15.71 -7.21 24.65
CA LEU D 60 15.74 -5.76 24.76
C LEU D 60 16.51 -5.32 25.93
N GLN D 61 17.31 -4.28 25.71
CA GLN D 61 18.25 -3.72 26.71
C GLN D 61 17.57 -2.84 27.79
N SER D 62 16.37 -3.26 28.18
CA SER D 62 15.52 -2.46 29.01
C SER D 62 15.24 -3.34 30.16
N GLU D 63 14.94 -4.60 29.86
CA GLU D 63 14.91 -5.64 30.89
C GLU D 63 16.32 -5.82 31.55
N THR D 64 17.33 -6.09 30.71
CA THR D 64 18.74 -6.31 31.13
C THR D 64 19.49 -4.97 31.47
N LYS D 65 18.82 -4.08 32.24
CA LYS D 65 19.46 -2.80 32.68
C LYS D 65 18.60 -2.01 33.75
N GLY D 66 17.37 -2.51 33.99
CA GLY D 66 16.43 -1.87 34.92
C GLY D 66 15.02 -2.26 34.60
N ASN D 67 14.43 -1.54 33.61
CA ASN D 67 12.97 -1.55 33.36
C ASN D 67 12.58 -1.75 31.90
N LYS D 68 11.86 -2.86 31.66
CA LYS D 68 11.28 -3.19 30.33
C LYS D 68 10.53 -1.96 29.84
N ILE D 69 11.10 -1.28 28.84
CA ILE D 69 10.28 -0.30 28.12
C ILE D 69 9.67 -0.98 26.91
N HIS D 70 8.34 -0.91 26.83
CA HIS D 70 7.52 -1.63 25.81
C HIS D 70 7.94 -1.38 24.35
N ASP D 71 8.23 -0.11 24.04
CA ASP D 71 8.45 0.33 22.68
C ASP D 71 9.77 -0.18 22.02
N GLU D 72 10.78 -0.53 22.85
CA GLU D 72 12.03 -1.12 22.31
C GLU D 72 11.79 -2.39 21.52
N HIS D 73 10.80 -3.22 21.92
CA HIS D 73 10.43 -4.42 21.15
C HIS D 73 10.23 -4.17 19.65
N LEU D 74 9.60 -3.03 19.32
CA LEU D 74 9.35 -2.58 17.94
C LEU D 74 10.61 -2.22 17.24
N PHE D 75 11.49 -1.53 17.94
CA PHE D 75 12.75 -1.10 17.37
C PHE D 75 13.58 -2.29 16.92
N ILE D 76 13.58 -3.36 17.75
CA ILE D 76 14.31 -4.54 17.45
C ILE D 76 13.63 -5.30 16.29
N ILE D 77 12.32 -5.55 16.35
CA ILE D 77 11.66 -6.30 15.26
C ILE D 77 11.70 -5.61 13.90
N THR D 78 11.54 -4.29 13.86
CA THR D 78 11.68 -3.56 12.62
C THR D 78 13.10 -3.87 12.02
N HIS D 79 14.13 -3.55 12.80
CA HIS D 79 15.51 -3.83 12.42
C HIS D 79 15.68 -5.26 11.91
N GLN D 80 15.19 -6.24 12.68
CA GLN D 80 15.27 -7.67 12.32
C GLN D 80 14.60 -7.96 11.00
N ALA D 81 13.37 -7.48 10.81
CA ALA D 81 12.69 -7.58 9.49
C ALA D 81 13.47 -6.92 8.31
N TYR D 82 14.02 -5.71 8.45
CA TYR D 82 14.83 -5.11 7.40
C TYR D 82 16.02 -6.04 7.08
N GLU D 83 16.68 -6.58 8.10
CA GLU D 83 17.83 -7.43 7.92
C GLU D 83 17.47 -8.73 7.21
N LEU D 84 16.28 -9.26 7.46
CA LEU D 84 15.86 -10.42 6.71
C LEU D 84 15.67 -10.07 5.21
N TRP D 85 15.11 -8.89 4.90
CA TRP D 85 14.89 -8.56 3.52
C TRP D 85 16.17 -8.20 2.82
N PHE D 86 17.05 -7.52 3.54
CA PHE D 86 18.43 -7.27 3.12
C PHE D 86 19.09 -8.57 2.71
N LYS D 87 19.00 -9.61 3.56
CA LYS D 87 19.52 -10.90 3.19
C LYS D 87 18.92 -11.35 1.87
N GLN D 88 17.59 -11.30 1.75
CA GLN D 88 16.92 -11.75 0.52
C GLN D 88 17.41 -10.95 -0.66
N ILE D 89 17.59 -9.63 -0.48
CA ILE D 89 18.07 -8.77 -1.54
C ILE D 89 19.46 -9.19 -1.94
N LEU D 90 20.29 -9.57 -0.96
CA LEU D 90 21.65 -10.05 -1.23
C LEU D 90 21.61 -11.39 -2.02
N TRP D 91 20.53 -12.16 -1.80
CA TRP D 91 20.46 -13.50 -2.39
C TRP D 91 20.19 -13.32 -3.89
N GLU D 92 19.27 -12.43 -4.24
CA GLU D 92 18.86 -12.26 -5.62
C GLU D 92 20.02 -11.53 -6.30
N LEU D 93 20.54 -10.54 -5.58
CA LEU D 93 21.52 -9.69 -6.17
C LEU D 93 22.81 -10.51 -6.42
N ASP D 94 23.14 -11.43 -5.52
CA ASP D 94 24.31 -12.29 -5.78
C ASP D 94 24.18 -13.18 -6.97
N SER D 95 23.01 -13.74 -7.19
CA SER D 95 22.84 -14.79 -8.19
C SER D 95 22.78 -14.14 -9.57
N VAL D 96 22.26 -12.90 -9.63
CA VAL D 96 22.31 -12.06 -10.85
C VAL D 96 23.77 -11.69 -11.22
N ARG D 97 24.52 -11.23 -10.22
CA ARG D 97 25.95 -11.11 -10.39
C ARG D 97 26.62 -12.38 -11.05
N GLU D 98 26.25 -13.58 -10.56
CA GLU D 98 26.90 -14.80 -10.87
C GLU D 98 26.65 -15.25 -12.35
N ILE D 99 25.44 -14.95 -12.82
CA ILE D 99 24.97 -15.21 -14.19
C ILE D 99 25.75 -14.34 -15.17
N PHE D 100 26.19 -13.16 -14.73
CA PHE D 100 27.08 -12.30 -15.52
C PHE D 100 28.53 -12.78 -15.51
N GLN D 101 29.01 -13.26 -14.37
CA GLN D 101 30.42 -13.71 -14.27
C GLN D 101 30.70 -15.02 -15.03
N ASN D 102 29.90 -16.03 -14.71
CA ASN D 102 29.67 -17.21 -15.52
C ASN D 102 29.68 -17.05 -17.00
N GLY D 103 29.14 -15.91 -17.48
CA GLY D 103 28.86 -15.71 -18.89
C GLY D 103 27.53 -16.31 -19.30
N HIS D 104 26.84 -17.04 -18.38
CA HIS D 104 25.47 -17.47 -18.66
C HIS D 104 24.60 -16.39 -19.23
N VAL D 105 24.84 -15.13 -18.89
CA VAL D 105 24.11 -14.03 -19.52
C VAL D 105 24.17 -14.01 -21.05
N ARG D 106 25.26 -14.47 -21.67
CA ARG D 106 25.40 -14.35 -23.16
C ARG D 106 24.35 -15.19 -23.90
N ASP D 107 23.88 -16.23 -23.19
CA ASP D 107 22.74 -17.03 -23.57
C ASP D 107 21.43 -16.34 -23.11
N GLU D 108 20.81 -15.71 -24.09
CA GLU D 108 19.69 -14.84 -23.90
C GLU D 108 18.45 -15.54 -23.22
N ARG D 109 18.38 -16.90 -23.33
CA ARG D 109 17.42 -17.75 -22.57
C ARG D 109 17.29 -17.19 -21.15
N ASN D 110 18.39 -16.70 -20.59
CA ASN D 110 18.48 -16.40 -19.18
C ASN D 110 18.10 -15.00 -18.89
N MET D 111 17.72 -14.20 -19.88
CA MET D 111 17.47 -12.76 -19.60
C MET D 111 16.24 -12.51 -18.72
N LEU D 112 15.20 -13.33 -18.95
CA LEU D 112 14.01 -13.42 -18.17
C LEU D 112 14.31 -13.63 -16.70
N LYS D 113 15.24 -14.54 -16.42
CA LYS D 113 15.67 -14.82 -15.03
C LYS D 113 16.43 -13.64 -14.44
N VAL D 114 17.23 -12.96 -15.24
CA VAL D 114 17.90 -11.76 -14.78
C VAL D 114 16.90 -10.64 -14.48
N VAL D 115 16.02 -10.30 -15.43
CA VAL D 115 15.11 -9.15 -15.28
C VAL D 115 14.10 -9.41 -14.20
N SER D 116 13.69 -10.67 -14.12
CA SER D 116 12.68 -10.98 -13.15
C SER D 116 13.24 -10.87 -11.73
N ARG D 117 14.48 -11.37 -11.52
CA ARG D 117 15.14 -11.16 -10.21
C ARG D 117 15.52 -9.73 -9.83
N MET D 118 16.00 -8.93 -10.77
CA MET D 118 16.10 -7.49 -10.53
C MET D 118 14.73 -6.83 -10.15
N HIS D 119 13.65 -7.29 -10.78
CA HIS D 119 12.38 -6.67 -10.54
C HIS D 119 11.91 -7.04 -9.12
N ARG D 120 12.17 -8.29 -8.73
CA ARG D 120 11.81 -8.73 -7.41
C ARG D 120 12.53 -7.87 -6.34
N VAL D 121 13.78 -7.49 -6.61
CA VAL D 121 14.55 -6.60 -5.77
C VAL D 121 13.78 -5.29 -5.58
N SER D 122 13.33 -4.72 -6.69
CA SER D 122 12.44 -3.56 -6.65
C SER D 122 11.23 -3.69 -5.75
N VAL D 123 10.53 -4.83 -5.86
CA VAL D 123 9.24 -5.05 -5.18
C VAL D 123 9.61 -5.13 -3.72
N ILE D 124 10.75 -5.80 -3.39
CA ILE D 124 11.24 -5.86 -2.00
C ILE D 124 11.58 -4.48 -1.45
N LEU D 125 12.35 -3.72 -2.22
CA LEU D 125 12.68 -2.35 -1.82
C LEU D 125 11.42 -1.44 -1.56
N LYS D 126 10.40 -1.48 -2.45
CA LYS D 126 9.09 -0.81 -2.23
C LYS D 126 8.38 -1.19 -0.90
N LEU D 127 8.40 -2.49 -0.54
CA LEU D 127 7.95 -2.89 0.75
C LEU D 127 8.79 -2.26 1.86
N LEU D 128 10.12 -2.44 1.83
CA LEU D 128 10.97 -1.70 2.73
C LEU D 128 10.78 -0.19 2.74
N VAL D 129 10.24 0.43 1.71
CA VAL D 129 9.93 1.83 1.91
C VAL D 129 8.63 2.00 2.73
N GLN D 130 7.58 1.23 2.43
CA GLN D 130 6.31 1.29 3.12
C GLN D 130 6.52 0.86 4.60
N GLN D 131 7.48 -0.04 4.83
CA GLN D 131 7.79 -0.48 6.18
C GLN D 131 8.06 0.59 7.27
N PHE D 132 8.39 1.83 6.88
CA PHE D 132 8.78 2.83 7.89
C PHE D 132 7.53 3.27 8.60
N SER D 133 6.43 3.21 7.91
CA SER D 133 5.14 3.48 8.45
C SER D 133 4.86 2.80 9.77
N ILE D 134 5.47 1.64 10.03
CA ILE D 134 5.32 0.93 11.34
C ILE D 134 6.03 1.67 12.48
N LEU D 135 7.23 2.13 12.21
CA LEU D 135 8.08 2.70 13.22
C LEU D 135 7.76 4.18 13.46
N GLU D 136 6.99 4.79 12.54
CA GLU D 136 6.43 6.16 12.80
C GLU D 136 5.20 6.17 13.76
N THR D 137 4.80 4.95 14.20
CA THR D 137 3.82 4.73 15.25
C THR D 137 4.46 4.74 16.63
N MET D 138 5.78 4.86 16.69
CA MET D 138 6.50 5.11 17.95
C MET D 138 6.87 6.57 17.92
N THR D 139 6.61 7.25 19.04
CA THR D 139 6.93 8.66 19.24
C THR D 139 8.38 8.91 19.69
N ALA D 140 8.90 10.08 19.38
CA ALA D 140 10.13 10.58 19.97
C ALA D 140 10.24 10.32 21.50
N LEU D 141 9.17 10.61 22.27
CA LEU D 141 9.17 10.45 23.73
C LEU D 141 9.43 9.02 24.17
N ASP D 142 8.58 8.06 23.70
CA ASP D 142 8.85 6.68 24.05
C ASP D 142 10.23 6.23 23.53
N PHE D 143 10.72 6.81 22.44
CA PHE D 143 12.04 6.45 21.99
C PHE D 143 13.06 6.91 23.01
N ASN D 144 13.07 8.20 23.35
CA ASN D 144 14.03 8.71 24.33
C ASN D 144 14.18 7.93 25.64
N ASP D 145 13.11 7.24 26.03
CA ASP D 145 13.14 6.43 27.23
C ASP D 145 14.02 5.19 27.13
N PHE D 146 14.21 4.63 25.93
CA PHE D 146 15.14 3.51 25.81
C PHE D 146 16.46 3.79 24.98
N ARG D 147 16.55 4.95 24.34
CA ARG D 147 17.69 5.40 23.50
C ARG D 147 19.07 5.33 24.22
N GLU D 148 19.06 5.79 25.50
CA GLU D 148 20.17 5.67 26.43
C GLU D 148 20.91 4.33 26.29
N TYR D 149 20.14 3.22 26.33
CA TYR D 149 20.59 1.85 26.45
C TYR D 149 20.95 1.16 25.15
N LEU D 150 21.07 1.94 24.06
CA LEU D 150 21.36 1.34 22.76
C LEU D 150 22.80 1.65 22.48
N SER D 151 23.27 2.78 23.03
CA SER D 151 24.59 3.31 22.73
C SER D 151 25.74 2.36 23.16
N PRO D 152 26.74 2.16 22.29
CA PRO D 152 26.86 2.85 21.02
C PRO D 152 26.77 1.92 19.80
N ALA D 153 25.69 1.10 19.75
CA ALA D 153 25.29 0.38 18.52
C ALA D 153 25.10 1.46 17.46
N SER D 154 25.32 1.09 16.21
CA SER D 154 25.14 2.04 15.10
C SER D 154 24.64 1.34 13.83
N GLY D 155 23.83 2.05 13.04
CA GLY D 155 23.46 1.53 11.71
C GLY D 155 24.65 1.49 10.75
N PHE D 156 25.65 2.36 10.96
CA PHE D 156 26.99 2.16 10.36
C PHE D 156 27.61 0.78 10.58
N GLN D 157 27.18 0.08 11.64
CA GLN D 157 27.57 -1.32 11.91
C GLN D 157 26.77 -2.44 11.24
N SER D 158 25.93 -2.11 10.26
CA SER D 158 25.11 -3.12 9.56
C SER D 158 25.88 -3.68 8.36
N LEU D 159 26.41 -4.90 8.52
CA LEU D 159 27.15 -5.62 7.49
C LEU D 159 26.38 -5.68 6.14
N GLN D 160 25.16 -6.21 6.23
CA GLN D 160 24.35 -6.35 5.03
C GLN D 160 24.20 -5.01 4.30
N PHE D 161 24.01 -3.90 5.04
CA PHE D 161 23.81 -2.64 4.34
C PHE D 161 25.03 -2.33 3.50
N ARG D 162 26.21 -2.39 4.12
CA ARG D 162 27.43 -2.14 3.39
C ARG D 162 27.75 -3.27 2.34
N LEU D 163 27.60 -4.56 2.69
CA LEU D 163 27.59 -5.55 1.60
C LEU D 163 26.71 -5.09 0.36
N LEU D 164 25.41 -4.86 0.58
CA LEU D 164 24.50 -4.52 -0.48
C LEU D 164 24.86 -3.24 -1.20
N GLU D 165 25.31 -2.22 -0.48
CA GLU D 165 25.84 -1.05 -1.17
C GLU D 165 27.08 -1.34 -2.10
N ASN D 166 28.00 -2.20 -1.66
CA ASN D 166 29.17 -2.57 -2.48
C ASN D 166 28.93 -3.49 -3.64
N LYS D 167 28.23 -4.63 -3.43
CA LYS D 167 27.86 -5.51 -4.57
C LYS D 167 27.14 -4.76 -5.67
N ILE D 168 26.19 -3.89 -5.36
CA ILE D 168 25.55 -3.00 -6.35
C ILE D 168 26.56 -2.05 -6.99
N GLY D 169 27.59 -1.66 -6.23
CA GLY D 169 28.69 -0.84 -6.76
C GLY D 169 28.57 0.65 -6.52
N VAL D 170 28.06 1.03 -5.35
CA VAL D 170 27.99 2.43 -4.96
C VAL D 170 29.42 2.98 -4.75
N LEU D 171 29.73 4.12 -5.38
CA LEU D 171 31.06 4.71 -5.36
C LEU D 171 31.64 4.89 -3.94
N LYS D 188 34.17 -4.78 12.90
CA LYS D 188 34.90 -5.39 11.77
C LYS D 188 35.66 -6.62 12.38
N GLY D 189 35.13 -7.85 12.17
CA GLY D 189 35.59 -9.07 12.84
C GLY D 189 36.18 -10.21 12.00
N GLU D 190 35.91 -10.13 10.70
CA GLU D 190 36.04 -11.20 9.70
C GLU D 190 34.71 -11.10 8.95
N GLU D 191 33.75 -10.44 9.61
CA GLU D 191 32.70 -9.65 8.95
C GLU D 191 33.38 -8.85 7.82
N ASN D 192 34.71 -8.67 8.00
CA ASN D 192 35.60 -7.85 7.17
C ASN D 192 36.31 -8.66 6.05
N GLU D 193 36.36 -10.02 6.26
CA GLU D 193 36.62 -10.93 5.12
C GLU D 193 35.45 -10.87 4.14
N LEU D 194 34.20 -10.79 4.64
CA LEU D 194 32.98 -10.60 3.80
C LEU D 194 32.82 -9.15 3.30
N LEU D 195 33.23 -8.11 4.11
CA LEU D 195 33.23 -6.73 3.60
C LEU D 195 34.31 -6.64 2.45
N LEU D 196 35.57 -6.99 2.72
CA LEU D 196 36.71 -6.99 1.72
C LEU D 196 36.39 -7.60 0.34
N LYS D 197 35.99 -8.89 0.31
CA LYS D 197 35.52 -9.46 -1.04
C LYS D 197 34.52 -8.50 -1.69
N SER D 198 33.46 -8.10 -0.94
CA SER D 198 32.45 -7.18 -1.53
C SER D 198 33.08 -5.84 -2.06
N GLU D 199 34.21 -5.40 -1.50
CA GLU D 199 34.91 -4.20 -2.02
C GLU D 199 35.68 -4.53 -3.29
N GLN D 200 36.29 -5.74 -3.32
CA GLN D 200 37.12 -6.28 -4.46
C GLN D 200 36.36 -7.20 -5.51
N GLU D 201 35.21 -7.84 -5.10
CA GLU D 201 34.48 -8.87 -6.01
C GLU D 201 33.87 -7.97 -7.06
N LYS D 202 33.80 -8.48 -8.27
CA LYS D 202 33.31 -7.68 -9.39
C LYS D 202 31.84 -7.35 -9.07
N THR D 203 31.48 -6.07 -9.22
CA THR D 203 30.17 -5.58 -8.74
C THR D 203 29.11 -5.46 -9.83
N LEU D 204 27.85 -5.70 -9.50
CA LEU D 204 26.75 -5.47 -10.47
C LEU D 204 26.88 -4.27 -11.47
N LEU D 205 27.33 -3.09 -11.05
CA LEU D 205 27.61 -2.03 -12.04
C LEU D 205 28.69 -2.39 -13.09
N GLU D 206 29.82 -2.95 -12.64
CA GLU D 206 30.88 -3.42 -13.56
C GLU D 206 30.38 -4.54 -14.47
N LEU D 207 29.77 -5.58 -13.88
CA LEU D 207 29.24 -6.73 -14.65
C LEU D 207 28.35 -6.29 -15.78
N VAL D 208 27.42 -5.39 -15.45
CA VAL D 208 26.54 -4.75 -16.43
C VAL D 208 27.31 -3.92 -17.45
N GLU D 209 28.46 -3.39 -17.04
CA GLU D 209 29.23 -2.55 -17.92
C GLU D 209 29.90 -3.45 -18.99
N ALA D 210 30.59 -4.50 -18.51
CA ALA D 210 31.07 -5.61 -19.29
C ALA D 210 30.03 -6.06 -20.38
N TRP D 211 28.83 -6.47 -19.92
CA TRP D 211 27.67 -6.80 -20.79
C TRP D 211 27.32 -5.66 -21.76
N LEU D 212 27.31 -4.44 -21.26
CA LEU D 212 26.91 -3.33 -22.12
C LEU D 212 27.89 -3.10 -23.30
N GLU D 213 29.17 -3.46 -23.06
CA GLU D 213 30.24 -3.32 -24.03
C GLU D 213 29.88 -4.12 -25.28
N ARG D 214 29.39 -5.38 -25.07
CA ARG D 214 29.08 -6.33 -26.16
C ARG D 214 27.74 -6.12 -26.94
N THR D 215 27.02 -4.97 -26.69
CA THR D 215 25.68 -4.70 -27.25
C THR D 215 25.72 -4.60 -28.76
N PRO D 216 24.88 -5.38 -29.48
CA PRO D 216 24.90 -5.34 -30.96
C PRO D 216 24.50 -3.97 -31.58
N GLY D 217 24.77 -3.82 -32.89
CA GLY D 217 24.70 -2.53 -33.60
C GLY D 217 25.75 -1.46 -33.28
N LEU D 218 26.79 -1.83 -32.53
CA LEU D 218 27.94 -0.89 -32.33
C LEU D 218 29.15 -0.97 -33.30
N GLU D 219 29.25 -2.13 -34.00
CA GLU D 219 30.38 -2.57 -34.81
C GLU D 219 30.82 -1.46 -35.77
N PRO D 220 32.05 -0.91 -35.57
CA PRO D 220 32.56 0.20 -36.42
C PRO D 220 32.43 0.03 -37.95
N HIS D 221 32.28 -1.22 -38.45
CA HIS D 221 31.93 -1.40 -39.86
C HIS D 221 30.57 -2.11 -40.03
N GLY D 222 29.93 -2.44 -38.88
CA GLY D 222 28.59 -3.11 -38.79
C GLY D 222 27.40 -2.18 -39.02
N PHE D 223 26.65 -1.88 -37.96
CA PHE D 223 25.53 -0.95 -38.10
C PHE D 223 26.01 0.52 -37.91
N ASN D 224 27.12 0.63 -37.07
CA ASN D 224 27.83 1.89 -36.77
C ASN D 224 26.85 2.96 -36.32
N PHE D 225 26.22 2.64 -35.18
CA PHE D 225 25.14 3.46 -34.57
C PHE D 225 25.65 4.92 -34.26
N TRP D 226 26.79 5.00 -33.57
CA TRP D 226 27.51 6.25 -33.35
C TRP D 226 27.74 6.98 -34.70
N GLY D 227 26.75 7.80 -35.07
CA GLY D 227 26.68 8.40 -36.43
C GLY D 227 25.28 8.31 -37.08
N LYS D 228 24.37 9.27 -36.80
CA LYS D 228 24.59 10.64 -36.20
C LYS D 228 23.53 11.55 -36.84
N LEU D 229 23.48 12.84 -36.44
CA LEU D 229 22.86 13.86 -37.29
C LEU D 229 23.93 14.26 -38.35
N GLU D 230 24.09 15.57 -38.83
CA GLU D 230 23.31 16.87 -38.47
C GLU D 230 22.09 17.32 -39.42
N GLU D 265 21.80 23.11 -26.54
CA GLU D 265 22.46 22.28 -27.61
C GLU D 265 23.55 21.38 -26.98
N VAL D 266 23.05 20.86 -25.75
CA VAL D 266 23.76 19.95 -24.81
C VAL D 266 24.05 18.50 -25.33
N LEU D 267 23.76 18.23 -26.61
CA LEU D 267 23.92 16.86 -27.09
C LEU D 267 25.25 16.51 -27.74
N LEU D 268 26.02 17.51 -28.19
CA LEU D 268 27.31 17.26 -28.88
C LEU D 268 28.41 16.75 -27.90
N SER D 269 28.26 17.15 -26.62
CA SER D 269 29.08 16.72 -25.46
C SER D 269 29.03 15.22 -25.09
N LEU D 270 27.96 14.53 -25.52
CA LEU D 270 27.96 13.05 -25.66
C LEU D 270 29.16 12.52 -26.52
N PHE D 271 29.51 13.31 -27.57
CA PHE D 271 30.56 12.90 -28.53
C PHE D 271 31.99 13.27 -28.15
N ASP D 272 32.17 13.92 -26.97
CA ASP D 272 33.50 14.32 -26.58
C ASP D 272 34.03 13.14 -25.70
N GLU D 273 34.58 12.02 -26.23
CA GLU D 273 35.03 10.95 -25.49
C GLU D 273 36.23 11.36 -24.34
N LYS D 274 37.37 12.19 -24.63
CA LYS D 274 38.23 12.83 -23.48
C LYS D 274 37.20 13.32 -22.34
N ARG D 275 36.32 14.29 -22.70
CA ARG D 275 35.41 15.01 -21.72
C ARG D 275 34.68 14.00 -20.90
N HIS D 276 34.24 12.93 -21.57
CA HIS D 276 33.54 11.88 -20.89
C HIS D 276 34.42 11.10 -19.88
N GLU D 277 35.61 10.66 -20.34
CA GLU D 277 36.57 9.93 -19.48
C GLU D 277 37.07 10.83 -18.26
N HIS D 278 37.12 12.14 -18.48
CA HIS D 278 37.44 13.06 -17.36
C HIS D 278 36.32 13.13 -16.32
N LEU D 279 35.05 13.06 -16.73
CA LEU D 279 33.93 12.88 -15.75
C LEU D 279 34.11 11.62 -14.90
N LEU D 280 34.34 10.51 -15.56
CA LEU D 280 34.59 9.20 -14.93
C LEU D 280 35.83 9.20 -14.01
N SER D 281 36.82 10.06 -14.30
CA SER D 281 38.02 10.15 -13.49
C SER D 281 37.71 10.84 -12.15
N LYS D 282 36.84 11.84 -12.21
CA LYS D 282 36.23 12.43 -11.03
C LYS D 282 35.16 11.48 -10.39
N GLY D 283 34.44 10.75 -11.24
CA GLY D 283 33.40 9.85 -10.80
C GLY D 283 32.00 10.43 -10.79
N GLU D 284 31.76 11.53 -11.51
CA GLU D 284 30.39 12.08 -11.76
C GLU D 284 29.57 11.30 -12.82
N ARG D 285 30.24 10.31 -13.45
CA ARG D 285 29.65 9.36 -14.37
C ARG D 285 30.36 8.02 -14.01
N ARG D 286 29.78 6.84 -14.39
CA ARG D 286 30.34 5.52 -13.94
C ARG D 286 30.64 4.44 -15.01
N LEU D 287 29.95 4.51 -16.16
CA LEU D 287 30.17 3.54 -17.20
C LEU D 287 31.24 4.05 -18.09
N SER D 288 31.99 3.10 -18.68
CA SER D 288 32.99 3.37 -19.71
C SER D 288 32.33 3.86 -21.01
N TYR D 289 33.11 4.57 -21.85
CA TYR D 289 32.61 5.19 -23.12
C TYR D 289 31.80 4.21 -24.06
N ARG D 290 32.37 3.02 -24.34
CA ARG D 290 31.66 2.06 -25.16
C ARG D 290 30.35 1.58 -24.47
N ALA D 291 30.45 1.24 -23.16
CA ALA D 291 29.32 0.76 -22.34
C ALA D 291 28.19 1.73 -22.38
N LEU D 292 28.54 3.01 -22.36
CA LEU D 292 27.66 4.08 -22.65
C LEU D 292 26.83 3.87 -23.90
N GLN D 293 27.43 3.51 -25.04
CA GLN D 293 26.58 3.40 -26.20
C GLN D 293 25.86 2.08 -26.42
N GLY D 294 26.24 1.07 -25.62
CA GLY D 294 25.48 -0.15 -25.50
C GLY D 294 24.09 0.28 -25.06
N ALA D 295 24.08 1.07 -23.98
CA ALA D 295 22.87 1.50 -23.33
C ALA D 295 22.04 2.43 -24.19
N LEU D 296 22.65 3.35 -24.95
CA LEU D 296 21.85 4.29 -25.73
C LEU D 296 21.17 3.60 -26.91
N MET D 297 21.76 2.46 -27.31
CA MET D 297 21.32 1.65 -28.45
C MET D 297 20.10 0.86 -27.90
N ILE D 298 20.29 0.26 -26.74
CA ILE D 298 19.22 -0.46 -26.10
C ILE D 298 18.04 0.51 -25.83
N TYR D 299 18.37 1.73 -25.43
CA TYR D 299 17.39 2.77 -25.23
C TYR D 299 16.66 3.11 -26.50
N PHE D 300 17.41 3.41 -27.59
CA PHE D 300 16.82 4.02 -28.79
C PHE D 300 16.03 3.04 -29.69
N TYR D 301 16.37 1.76 -29.52
CA TYR D 301 15.77 0.70 -30.31
C TYR D 301 15.12 -0.34 -29.40
N ARG D 302 14.55 0.14 -28.28
CA ARG D 302 13.92 -0.77 -27.27
C ARG D 302 12.82 -1.70 -27.87
N GLU D 303 12.03 -1.22 -28.84
CA GLU D 303 11.09 -2.06 -29.58
C GLU D 303 11.77 -3.38 -30.16
N GLU D 304 12.96 -3.29 -30.73
CA GLU D 304 13.58 -4.43 -31.43
C GLU D 304 13.62 -5.59 -30.49
N PRO D 305 13.12 -6.76 -30.95
CA PRO D 305 12.92 -7.91 -30.07
C PRO D 305 14.09 -8.23 -29.09
N ARG D 306 15.30 -8.39 -29.55
CA ARG D 306 16.49 -8.67 -28.70
C ARG D 306 16.89 -7.59 -27.74
N PHE D 307 16.38 -6.39 -27.95
CA PHE D 307 16.51 -5.30 -27.00
C PHE D 307 15.38 -5.14 -25.93
N GLN D 308 14.20 -5.76 -26.14
CA GLN D 308 13.04 -5.56 -25.19
C GLN D 308 13.28 -5.83 -23.68
N VAL D 309 13.69 -7.06 -23.36
CA VAL D 309 14.00 -7.48 -22.02
C VAL D 309 15.29 -6.75 -21.57
N PRO D 310 16.30 -6.54 -22.46
CA PRO D 310 17.36 -5.62 -21.99
C PRO D 310 16.89 -4.22 -21.63
N PHE D 311 15.94 -3.65 -22.35
CA PHE D 311 15.40 -2.35 -21.94
C PHE D 311 14.74 -2.41 -20.55
N GLN D 312 14.13 -3.55 -20.22
CA GLN D 312 13.62 -3.80 -18.88
C GLN D 312 14.70 -3.89 -17.82
N LEU D 313 15.89 -4.42 -18.16
CA LEU D 313 16.97 -4.56 -17.17
C LEU D 313 17.43 -3.19 -16.75
N LEU D 314 17.63 -2.32 -17.74
CA LEU D 314 18.05 -0.92 -17.50
C LEU D 314 17.03 -0.18 -16.68
N THR D 315 15.75 -0.35 -17.04
CA THR D 315 14.66 0.30 -16.32
C THR D 315 14.62 -0.18 -14.87
N SER D 316 14.68 -1.49 -14.71
CA SER D 316 14.82 -2.13 -13.42
C SER D 316 15.97 -1.55 -12.61
N LEU D 317 17.18 -1.48 -13.21
CA LEU D 317 18.36 -0.94 -12.49
C LEU D 317 18.20 0.50 -12.00
N MET D 318 17.74 1.40 -12.86
CA MET D 318 17.32 2.75 -12.43
C MET D 318 16.44 2.67 -11.22
N ASP D 319 15.45 1.77 -11.27
CA ASP D 319 14.44 1.60 -10.20
C ASP D 319 15.05 1.28 -8.86
N ILE D 320 16.03 0.37 -8.87
CA ILE D 320 16.70 -0.07 -7.67
C ILE D 320 17.45 1.13 -7.07
N ASP D 321 18.01 1.95 -7.94
CA ASP D 321 18.63 3.17 -7.48
C ASP D 321 17.70 4.24 -6.79
N SER D 322 16.55 4.54 -7.42
CA SER D 322 15.49 5.36 -6.87
C SER D 322 14.93 4.82 -5.55
N LEU D 323 14.77 3.49 -5.49
CA LEU D 323 14.23 2.89 -4.31
C LEU D 323 15.21 2.93 -3.12
N MET D 324 16.52 2.75 -3.42
CA MET D 324 17.57 2.88 -2.41
C MET D 324 17.63 4.31 -1.87
N THR D 325 17.54 5.31 -2.76
CA THR D 325 17.53 6.70 -2.36
C THR D 325 16.37 6.96 -1.45
N LYS D 326 15.19 6.46 -1.85
CA LYS D 326 13.92 6.79 -1.20
C LYS D 326 13.90 6.19 0.16
N TRP D 327 14.54 5.00 0.30
CA TRP D 327 14.88 4.40 1.57
C TRP D 327 15.78 5.27 2.38
N ARG D 328 16.74 5.93 1.75
CA ARG D 328 17.69 6.73 2.53
C ARG D 328 16.95 7.97 3.08
N TYR D 329 15.98 8.47 2.31
CA TYR D 329 15.31 9.72 2.59
C TYR D 329 14.29 9.48 3.75
N ASN D 330 13.62 8.35 3.66
CA ASN D 330 12.75 7.96 4.73
C ASN D 330 13.52 7.66 6.00
N HIS D 331 14.62 6.88 5.91
CA HIS D 331 15.55 6.75 7.03
C HIS D 331 16.00 8.12 7.62
N VAL D 332 16.29 9.14 6.81
CA VAL D 332 16.69 10.46 7.31
C VAL D 332 15.54 11.12 8.03
N CYS D 333 14.31 10.95 7.51
CA CYS D 333 13.08 11.54 8.10
C CYS D 333 12.68 11.00 9.47
N MET D 334 12.93 9.70 9.64
CA MET D 334 12.86 9.03 10.91
C MET D 334 13.72 9.75 11.92
N VAL D 335 15.03 9.76 11.65
CA VAL D 335 16.06 10.37 12.51
C VAL D 335 15.63 11.73 13.05
N HIS D 336 15.18 12.62 12.17
CA HIS D 336 14.65 13.95 12.49
C HIS D 336 13.35 13.88 13.34
N ARG D 337 12.46 12.94 13.07
CA ARG D 337 11.30 12.68 13.95
C ARG D 337 11.73 12.26 15.35
N MET D 338 12.89 11.61 15.50
CA MET D 338 13.36 11.12 16.82
C MET D 338 14.29 12.06 17.62
N LEU D 339 15.36 12.49 16.95
CA LEU D 339 16.49 13.16 17.59
C LEU D 339 16.48 14.61 17.24
N GLY D 340 15.58 15.00 16.34
CA GLY D 340 15.50 16.41 16.01
C GLY D 340 16.68 16.83 15.13
N SER D 341 16.69 18.13 14.80
CA SER D 341 17.75 18.71 13.98
C SER D 341 19.05 18.93 14.82
N LYS D 342 20.20 18.87 14.11
CA LYS D 342 21.60 19.01 14.65
C LYS D 342 22.12 17.78 15.42
N TYR D 351 23.63 13.57 11.92
CA TYR D 351 22.43 13.71 11.09
C TYR D 351 22.70 14.44 9.74
N HIS D 352 23.49 15.53 9.79
CA HIS D 352 23.91 16.36 8.63
C HIS D 352 24.48 15.55 7.44
N TYR D 353 25.15 14.45 7.75
CA TYR D 353 25.78 13.52 6.80
C TYR D 353 24.74 12.67 6.05
N LEU D 354 23.70 12.22 6.75
CA LEU D 354 22.70 11.36 6.11
C LEU D 354 22.01 12.07 4.95
N ARG D 355 21.66 13.36 5.14
CA ARG D 355 21.20 14.24 4.03
C ARG D 355 22.08 14.06 2.76
N SER D 356 23.39 14.06 2.95
CA SER D 356 24.33 13.91 1.86
C SER D 356 24.27 12.53 1.16
N THR D 357 23.76 11.49 1.83
CA THR D 357 23.55 10.19 1.17
C THR D 357 22.30 10.20 0.27
N VAL D 358 21.48 11.23 0.43
CA VAL D 358 20.30 11.39 -0.40
C VAL D 358 20.63 12.29 -1.62
N SER D 359 21.73 11.98 -2.32
CA SER D 359 22.17 12.76 -3.51
C SER D 359 22.24 11.92 -4.78
N ASP D 360 22.74 12.50 -5.85
CA ASP D 360 22.97 11.74 -7.10
C ASP D 360 24.26 10.90 -7.00
N ARG D 361 25.31 11.48 -6.38
CA ARG D 361 26.60 10.81 -6.02
C ARG D 361 26.49 9.36 -5.50
N TYR D 362 25.28 8.98 -5.05
CA TYR D 362 24.97 7.62 -4.58
C TYR D 362 24.06 6.86 -5.55
N LYS D 363 23.74 7.44 -6.70
CA LYS D 363 23.10 6.68 -7.79
C LYS D 363 24.21 5.90 -8.46
N VAL D 364 24.31 4.59 -8.17
CA VAL D 364 25.24 3.71 -8.91
C VAL D 364 25.02 3.82 -10.42
N PHE D 365 23.77 3.91 -10.85
CA PHE D 365 23.41 3.90 -12.25
C PHE D 365 23.04 5.27 -12.77
N VAL D 366 23.82 6.28 -12.34
CA VAL D 366 23.65 7.65 -12.84
C VAL D 366 23.71 7.72 -14.38
N ASP D 367 24.56 6.91 -15.01
CA ASP D 367 24.75 6.96 -16.48
C ASP D 367 23.47 6.63 -17.23
N LEU D 368 22.83 5.54 -16.78
CA LEU D 368 21.49 5.16 -17.17
C LEU D 368 20.52 6.31 -16.95
N PHE D 369 20.59 6.99 -15.81
CA PHE D 369 19.61 8.03 -15.64
C PHE D 369 19.81 9.06 -16.70
N ASN D 370 21.01 9.63 -16.80
CA ASN D 370 21.23 10.70 -17.78
C ASN D 370 21.31 10.29 -19.25
N LEU D 371 21.55 9.02 -19.56
CA LEU D 371 21.22 8.51 -20.90
C LEU D 371 19.76 8.64 -21.38
N SER D 372 18.85 9.06 -20.48
CA SER D 372 17.54 9.70 -20.85
C SER D 372 17.43 11.22 -20.48
N THR D 373 18.45 11.96 -20.92
CA THR D 373 18.48 13.44 -21.07
C THR D 373 18.79 13.65 -22.56
N TYR D 374 19.38 12.58 -23.15
CA TYR D 374 19.82 12.58 -24.54
C TYR D 374 18.55 12.15 -25.22
N LEU D 375 17.91 13.16 -25.80
CA LEU D 375 16.56 13.04 -26.27
C LEU D 375 16.49 13.90 -27.53
N ILE D 376 16.25 13.24 -28.65
CA ILE D 376 16.32 13.85 -29.98
C ILE D 376 14.94 13.65 -30.67
N PRO D 377 14.56 14.49 -31.65
CA PRO D 377 13.26 14.19 -32.30
C PRO D 377 13.27 12.87 -33.12
N ARG D 378 12.25 12.01 -32.95
N ARG D 378 12.26 12.01 -32.93
CA ARG D 378 12.17 10.67 -33.58
CA ARG D 378 12.13 10.68 -33.58
C ARG D 378 12.62 10.62 -35.03
C ARG D 378 12.64 10.64 -35.02
N HIS D 379 12.38 11.73 -35.76
CA HIS D 379 12.87 11.94 -37.13
C HIS D 379 14.41 11.81 -37.26
N TRP D 380 15.14 12.10 -36.17
CA TRP D 380 16.61 12.08 -36.17
C TRP D 380 17.23 10.73 -35.87
N ILE D 381 16.50 9.82 -35.22
CA ILE D 381 17.10 8.52 -34.88
C ILE D 381 17.46 7.76 -36.17
N PRO D 382 18.73 7.33 -36.28
CA PRO D 382 19.19 6.49 -37.41
C PRO D 382 18.32 5.22 -37.68
N LYS D 383 17.95 4.97 -38.94
CA LYS D 383 17.05 3.83 -39.37
C LYS D 383 17.67 2.39 -39.28
N MET D 384 17.04 1.36 -39.88
CA MET D 384 17.25 -0.07 -39.43
C MET D 384 17.81 -1.28 -40.29
N ASN D 385 17.50 -1.41 -41.60
CA ASN D 385 18.09 -2.46 -42.55
C ASN D 385 17.91 -4.06 -42.29
N PRO D 386 18.88 -4.98 -42.68
CA PRO D 386 18.71 -6.42 -42.27
C PRO D 386 18.96 -6.77 -40.79
N THR D 387 17.92 -7.22 -40.06
CA THR D 387 17.94 -7.31 -38.54
C THR D 387 18.34 -8.69 -37.85
N ILE D 388 19.49 -8.61 -37.15
CA ILE D 388 20.06 -9.64 -36.25
C ILE D 388 19.41 -9.56 -34.82
N HIS D 389 18.14 -9.11 -34.75
CA HIS D 389 17.29 -9.26 -33.53
C HIS D 389 16.09 -10.30 -33.68
N LYS D 390 16.31 -11.61 -33.40
CA LYS D 390 15.25 -12.63 -33.37
C LYS D 390 14.25 -12.49 -32.21
#